data_8QTN
#
_entry.id   8QTN
#
_cell.length_a   1.00
_cell.length_b   1.00
_cell.length_c   1.00
_cell.angle_alpha   90.00
_cell.angle_beta   90.00
_cell.angle_gamma   90.00
#
_symmetry.space_group_name_H-M   'P 1'
#
loop_
_entity.id
_entity.type
_entity.pdbx_description
1 polymer 'Ceramide synthase LAG1'
2 polymer 'Ceramide synthase LAC1'
3 polymer 'Ceramide synthase subunit LIP1'
4 non-polymer 1,2-Distearoyl-sn-glycerophosphoethanolamine
5 non-polymer 'hexacosanoic acid'
6 non-polymer '[(2S)-1-hexadecanoyloxy-3-[hydroxy-[(2S,3R,5S,6R)-2,3,4,5,6-pentahydroxycyclohexyl]oxy-phosphoryl]oxy-propan-2-yl] heptadecanoate'
7 non-polymer 'AMMONIUM ION'
#
loop_
_entity_poly.entity_id
_entity_poly.type
_entity_poly.pdbx_seq_one_letter_code
_entity_poly.pdbx_strand_id
1 'polypeptide(L)'
;YREMNYRHSWLTPFFILVCVYSAYFLSGNRTESNPLHMFVAISYQVDGTDSYAKGIKDLSFVFFYMIFFTFLREFLMDVV
IRPFTVYLNVTSEHRQKRMLEQMYAIFYCGVSGPFGLYIMYHSDLWLFKTKPMYRTYPVITNPFLFKIFYLGQAAFWAQQ
ACVLVLQLEKPRKDYKELVFHHIVTLLLIWSSYVFHFTKMGLAIYITMDVSDFFLSLSKTLNYLNSVFTPFVFGLFVFFW
IYLRHVVNIRILWSVLTEFRHEGNYVLNFATQQYKCWISLPIVFVLIAALQLVNLYWLFLILRILYRLI
;
A
2 'polypeptide(L)'
;FREISYRHAWIAPLMILIAVYSAYFTSGNTTKTNVLHRFVAVSYQIGDTNAYGKGINDLCFVFYYMIFFTFLREFLMDVV
IRPFAIRLHVTSKHRIKRIMEQMYAIFYTGVSGPFGIYCMYHSDLWFFNTKAMYRTYPDFTNPFLFKVFYLGQAAFWAQQ
ACILVLQLEKPRKDHNELTFHHIVTLLLIWSSYVFHFTKMGLPIYITMDVSDFLLSFSKTLNYLDSGLAFFSFAIFVVAW
IYLRHYINLKILWSVLTQFRTEGNYVLNFATQQYKCWISLPIVFVLIGALQLVNLYWLFLIFRVL
;
B
3 'polypeptide(L)'
;PKIFNLFRVCFISLLLIAAVEYFKYGTRINYEWFHCTPIKEPQSGSVIKLWARGGPSCDKRGEYKTIVKRITRDYEPNDE
HLSFCIIENDNVPPVHYPIHEDKGEPGYVAYVGYDTDSELVQELCADSTIYHM
;
C,D
#
loop_
_chem_comp.id
_chem_comp.type
_chem_comp.name
_chem_comp.formula
3PE non-polymer 1,2-Distearoyl-sn-glycerophosphoethanolamine 'C41 H82 N O8 P'
7PO non-polymer 'hexacosanoic acid' 'C26 H52 O2'
NH4 non-polymer 'AMMONIUM ION' 'H4 N 1'
PIJ non-polymer '[(2S)-1-hexadecanoyloxy-3-[hydroxy-[(2S,3R,5S,6R)-2,3,4,5,6-pentahydroxycyclohexyl]oxy-phosphoryl]oxy-propan-2-yl] heptadecanoate' 'C42 H81 O13 P'
#
# COMPACT_ATOMS: atom_id res chain seq x y z
N TYR A 1 31.03 -31.05 18.72
CA TYR A 1 30.20 -30.50 17.60
C TYR A 1 30.73 -29.16 17.13
N ARG A 2 30.91 -28.23 18.08
CA ARG A 2 31.34 -26.88 17.72
C ARG A 2 32.66 -26.91 16.96
N GLU A 3 33.62 -27.71 17.42
CA GLU A 3 34.87 -27.84 16.68
C GLU A 3 34.61 -28.39 15.29
N MET A 4 33.73 -29.39 15.17
CA MET A 4 33.35 -29.87 13.85
C MET A 4 32.59 -28.80 13.06
N ASN A 5 31.77 -28.01 13.74
CA ASN A 5 31.00 -26.98 13.05
C ASN A 5 31.90 -25.98 12.34
N TYR A 6 32.98 -25.55 12.99
CA TYR A 6 33.88 -24.60 12.36
C TYR A 6 34.67 -25.25 11.22
N ARG A 7 35.40 -26.32 11.53
CA ARG A 7 36.22 -26.96 10.51
C ARG A 7 35.38 -27.45 9.34
N HIS A 8 34.23 -28.05 9.61
CA HIS A 8 33.32 -28.55 8.58
C HIS A 8 32.08 -27.65 8.61
N SER A 9 32.15 -26.53 7.90
CA SER A 9 31.08 -25.54 7.95
C SER A 9 29.75 -26.10 7.47
N TRP A 10 29.78 -27.19 6.70
CA TRP A 10 28.56 -27.80 6.18
C TRP A 10 27.79 -28.59 7.24
N LEU A 11 28.37 -28.82 8.41
CA LEU A 11 27.72 -29.66 9.40
C LEU A 11 26.37 -29.09 9.80
N THR A 12 26.33 -27.80 10.15
CA THR A 12 25.08 -27.22 10.64
C THR A 12 23.95 -27.34 9.62
N PRO A 13 24.10 -26.91 8.37
CA PRO A 13 23.02 -27.14 7.40
C PRO A 13 22.72 -28.62 7.19
N PHE A 14 23.75 -29.47 7.25
CA PHE A 14 23.53 -30.90 7.04
C PHE A 14 22.61 -31.48 8.11
N PHE A 15 22.78 -31.04 9.36
CA PHE A 15 21.92 -31.52 10.43
C PHE A 15 20.46 -31.14 10.19
N ILE A 16 20.22 -29.91 9.74
CA ILE A 16 18.85 -29.47 9.47
C ILE A 16 18.23 -30.33 8.38
N LEU A 17 18.97 -30.56 7.29
CA LEU A 17 18.40 -31.29 6.16
C LEU A 17 18.04 -32.71 6.54
N VAL A 18 18.95 -33.41 7.23
CA VAL A 18 18.68 -34.79 7.59
C VAL A 18 17.54 -34.86 8.60
N CYS A 19 17.45 -33.87 9.49
CA CYS A 19 16.35 -33.85 10.44
C CYS A 19 15.02 -33.62 9.73
N VAL A 20 14.94 -32.58 8.88
CA VAL A 20 13.68 -32.27 8.23
C VAL A 20 13.27 -33.41 7.28
N TYR A 21 14.23 -33.94 6.52
CA TYR A 21 13.91 -35.07 5.65
C TYR A 21 13.48 -36.28 6.46
N SER A 22 14.18 -36.57 7.56
CA SER A 22 13.78 -37.68 8.41
C SER A 22 12.40 -37.44 9.00
N ALA A 23 12.15 -36.23 9.51
CA ALA A 23 10.84 -35.91 10.07
C ALA A 23 9.76 -36.01 9.01
N TYR A 24 10.04 -35.54 7.80
CA TYR A 24 9.05 -35.61 6.73
C TYR A 24 8.70 -37.05 6.37
N PHE A 25 9.72 -37.90 6.23
CA PHE A 25 9.47 -39.28 5.85
C PHE A 25 8.96 -40.11 7.02
N LEU A 26 9.46 -39.85 8.23
CA LEU A 26 8.96 -40.54 9.41
C LEU A 26 7.51 -40.18 9.71
N SER A 27 7.01 -39.06 9.18
CA SER A 27 5.62 -38.70 9.39
C SER A 27 4.68 -39.72 8.77
N GLY A 28 5.11 -40.40 7.72
CA GLY A 28 4.33 -41.42 7.06
C GLY A 28 3.48 -40.92 5.91
N ASN A 29 2.78 -39.80 6.10
CA ASN A 29 1.92 -39.28 5.04
C ASN A 29 2.73 -38.90 3.81
N ARG A 30 3.86 -38.22 4.02
CA ARG A 30 4.76 -37.78 2.95
C ARG A 30 3.97 -37.23 1.76
N THR A 31 2.91 -36.47 2.03
CA THR A 31 2.10 -35.89 0.98
C THR A 31 1.90 -34.39 1.22
N GLU A 32 1.09 -33.75 0.38
CA GLU A 32 0.91 -32.30 0.50
C GLU A 32 0.39 -31.91 1.87
N SER A 33 -0.28 -32.84 2.57
CA SER A 33 -0.82 -32.55 3.89
C SER A 33 0.28 -32.32 4.92
N ASN A 34 1.45 -32.90 4.73
CA ASN A 34 2.52 -32.77 5.71
C ASN A 34 3.01 -31.32 5.76
N PRO A 35 3.14 -30.72 6.94
CA PRO A 35 3.77 -29.40 7.00
C PRO A 35 5.19 -29.40 6.47
N LEU A 36 5.91 -30.52 6.56
CA LEU A 36 7.24 -30.60 6.01
C LEU A 36 7.24 -30.75 4.50
N HIS A 37 6.14 -31.23 3.91
CA HIS A 37 6.00 -31.17 2.46
C HIS A 37 5.98 -29.73 1.98
N MET A 38 5.64 -28.79 2.86
CA MET A 38 5.72 -27.38 2.55
C MET A 38 7.10 -27.01 2.04
N PHE A 39 8.14 -27.67 2.55
CA PHE A 39 9.53 -27.31 2.31
C PHE A 39 10.27 -28.29 1.42
N VAL A 40 10.17 -29.58 1.69
CA VAL A 40 11.04 -30.56 1.03
C VAL A 40 10.59 -30.91 -0.38
N ALA A 41 9.34 -30.61 -0.75
CA ALA A 41 8.82 -30.94 -2.06
C ALA A 41 8.14 -29.72 -2.65
N ILE A 42 7.83 -29.80 -3.93
CA ILE A 42 7.13 -28.73 -4.63
C ILE A 42 5.64 -28.92 -4.44
N SER A 43 4.93 -27.82 -4.20
CA SER A 43 3.54 -27.85 -3.81
C SER A 43 2.64 -27.50 -5.00
N TYR A 44 1.33 -27.49 -4.75
CA TYR A 44 0.34 -27.02 -5.71
C TYR A 44 0.29 -27.90 -6.96
N GLN A 45 0.41 -29.20 -6.78
CA GLN A 45 0.20 -30.11 -7.89
C GLN A 45 -1.26 -30.02 -8.34
N VAL A 46 -1.46 -30.00 -9.66
CA VAL A 46 -2.81 -29.93 -10.22
C VAL A 46 -3.37 -31.35 -10.20
N ASP A 47 -4.11 -31.68 -9.16
CA ASP A 47 -4.66 -33.03 -8.96
C ASP A 47 -3.48 -33.99 -9.04
N GLY A 48 -3.56 -35.06 -9.84
CA GLY A 48 -2.46 -35.96 -10.07
C GLY A 48 -1.72 -35.73 -11.37
N THR A 49 -2.02 -34.65 -12.08
CA THR A 49 -1.37 -34.38 -13.35
C THR A 49 0.01 -33.79 -13.14
N ASP A 50 0.82 -33.83 -14.21
CA ASP A 50 2.19 -33.30 -14.17
C ASP A 50 2.19 -31.80 -14.45
N SER A 51 1.63 -31.04 -13.53
CA SER A 51 1.59 -29.59 -13.63
C SER A 51 1.32 -29.04 -12.24
N TYR A 52 2.16 -28.11 -11.79
CA TYR A 52 2.10 -27.57 -10.45
C TYR A 52 1.89 -26.06 -10.55
N ALA A 53 1.02 -25.53 -9.71
CA ALA A 53 0.73 -24.11 -9.69
C ALA A 53 1.71 -23.39 -8.75
N LYS A 54 1.54 -22.07 -8.65
CA LYS A 54 2.43 -21.23 -7.86
C LYS A 54 1.69 -20.71 -6.64
N GLY A 55 2.46 -20.46 -5.58
CA GLY A 55 1.87 -19.94 -4.36
C GLY A 55 2.92 -19.83 -3.27
N ILE A 56 2.44 -19.44 -2.08
CA ILE A 56 3.34 -19.13 -0.97
C ILE A 56 4.31 -20.25 -0.60
N LYS A 57 3.87 -21.51 -0.72
CA LYS A 57 4.73 -22.63 -0.35
C LYS A 57 5.97 -22.73 -1.24
N ASP A 58 5.95 -22.04 -2.38
CA ASP A 58 7.07 -22.09 -3.31
C ASP A 58 8.27 -21.50 -2.57
N LEU A 59 8.05 -20.38 -1.85
CA LEU A 59 9.13 -19.79 -1.09
C LEU A 59 9.60 -20.72 0.02
N SER A 60 8.69 -21.50 0.61
CA SER A 60 9.10 -22.49 1.58
C SER A 60 10.02 -23.54 0.96
N PHE A 61 9.70 -23.97 -0.26
CA PHE A 61 10.62 -24.83 -1.00
C PHE A 61 11.93 -24.12 -1.28
N VAL A 62 11.86 -22.86 -1.71
CA VAL A 62 13.08 -22.12 -2.02
C VAL A 62 13.91 -21.92 -0.77
N PHE A 63 13.29 -21.46 0.32
CA PHE A 63 14.05 -21.22 1.54
C PHE A 63 14.71 -22.49 2.05
N PHE A 64 13.98 -23.59 2.07
CA PHE A 64 14.55 -24.84 2.57
C PHE A 64 15.72 -25.28 1.72
N TYR A 65 15.60 -25.13 0.40
CA TYR A 65 16.68 -25.57 -0.47
C TYR A 65 17.77 -24.53 -0.63
N MET A 66 17.59 -23.33 -0.09
CA MET A 66 18.73 -22.48 0.19
C MET A 66 19.62 -23.12 1.24
N ILE A 67 19.01 -23.71 2.27
CA ILE A 67 19.77 -24.45 3.26
C ILE A 67 20.43 -25.66 2.62
N PHE A 68 19.70 -26.36 1.75
CA PHE A 68 20.28 -27.53 1.10
C PHE A 68 21.52 -27.16 0.31
N PHE A 69 21.45 -26.09 -0.48
CA PHE A 69 22.61 -25.68 -1.27
C PHE A 69 23.71 -25.12 -0.38
N THR A 70 23.35 -24.51 0.76
CA THR A 70 24.36 -24.08 1.72
C THR A 70 25.19 -25.27 2.19
N PHE A 71 24.52 -26.39 2.48
CA PHE A 71 25.25 -27.61 2.78
C PHE A 71 26.06 -28.06 1.57
N LEU A 72 25.41 -28.17 0.42
CA LEU A 72 26.09 -28.66 -0.77
C LEU A 72 27.24 -27.74 -1.16
N ARG A 73 27.02 -26.44 -1.11
CA ARG A 73 28.11 -25.49 -1.34
C ARG A 73 29.29 -25.78 -0.42
N GLU A 74 29.04 -25.72 0.89
CA GLU A 74 30.12 -25.92 1.86
C GLU A 74 30.59 -27.37 1.90
N PHE A 75 29.69 -28.33 1.71
CA PHE A 75 30.10 -29.73 1.73
C PHE A 75 31.08 -30.03 0.61
N LEU A 76 30.72 -29.68 -0.62
CA LEU A 76 31.62 -29.93 -1.74
C LEU A 76 32.94 -29.21 -1.55
N MET A 77 32.91 -28.06 -0.88
CA MET A 77 34.14 -27.33 -0.60
C MET A 77 35.04 -28.17 0.32
N ASP A 78 34.55 -28.49 1.51
CA ASP A 78 35.38 -29.08 2.54
C ASP A 78 35.79 -30.52 2.26
N VAL A 79 34.98 -31.26 1.52
CA VAL A 79 35.18 -32.70 1.40
C VAL A 79 35.60 -33.17 0.01
N VAL A 80 35.29 -32.40 -1.03
CA VAL A 80 35.48 -32.90 -2.39
C VAL A 80 36.54 -32.12 -3.16
N ILE A 81 36.29 -30.85 -3.43
CA ILE A 81 37.11 -30.16 -4.43
C ILE A 81 38.33 -29.51 -3.79
N ARG A 82 38.22 -29.01 -2.56
CA ARG A 82 39.40 -28.44 -1.91
C ARG A 82 40.51 -29.47 -1.77
N PRO A 83 40.25 -30.71 -1.35
CA PRO A 83 41.31 -31.73 -1.44
C PRO A 83 41.83 -31.91 -2.85
N PHE A 84 40.95 -31.80 -3.85
CA PHE A 84 41.40 -31.96 -5.24
C PHE A 84 42.38 -30.88 -5.64
N THR A 85 42.11 -29.63 -5.26
CA THR A 85 43.06 -28.56 -5.56
C THR A 85 44.39 -28.79 -4.87
N VAL A 86 44.36 -29.30 -3.64
CA VAL A 86 45.61 -29.70 -2.98
C VAL A 86 46.25 -30.86 -3.72
N TYR A 87 45.44 -31.80 -4.20
CA TYR A 87 45.98 -32.90 -4.99
C TYR A 87 46.67 -32.38 -6.24
N LEU A 88 46.07 -31.39 -6.90
CA LEU A 88 46.71 -30.71 -8.02
C LEU A 88 47.89 -29.86 -7.60
N ASN A 89 48.02 -29.53 -6.32
CA ASN A 89 49.16 -28.81 -5.79
C ASN A 89 49.23 -27.39 -6.39
N VAL A 90 48.15 -26.65 -6.20
CA VAL A 90 48.14 -25.24 -6.60
C VAL A 90 49.14 -24.45 -5.76
N THR A 91 49.13 -24.67 -4.45
CA THR A 91 50.08 -24.04 -3.52
C THR A 91 50.03 -22.52 -3.65
N SER A 92 48.84 -21.97 -3.44
CA SER A 92 48.65 -20.52 -3.43
C SER A 92 47.32 -20.20 -2.78
N GLU A 93 47.33 -19.39 -1.73
CA GLU A 93 46.11 -19.12 -0.99
C GLU A 93 45.06 -18.44 -1.86
N HIS A 94 45.44 -17.34 -2.53
CA HIS A 94 44.49 -16.61 -3.35
C HIS A 94 44.14 -17.41 -4.61
N ARG A 95 45.15 -17.95 -5.29
CA ARG A 95 44.90 -18.71 -6.51
C ARG A 95 44.03 -19.93 -6.23
N GLN A 96 44.32 -20.64 -5.14
CA GLN A 96 43.53 -21.83 -4.81
C GLN A 96 42.09 -21.48 -4.47
N LYS A 97 41.89 -20.43 -3.66
CA LYS A 97 40.54 -20.05 -3.28
C LYS A 97 39.71 -19.65 -4.49
N ARG A 98 40.29 -18.87 -5.41
CA ARG A 98 39.59 -18.54 -6.64
C ARG A 98 39.30 -19.80 -7.45
N MET A 99 40.27 -20.70 -7.54
CA MET A 99 40.07 -21.92 -8.30
C MET A 99 38.95 -22.76 -7.70
N LEU A 100 38.71 -22.61 -6.38
CA LEU A 100 37.57 -23.27 -5.77
C LEU A 100 36.27 -22.64 -6.25
N GLU A 101 36.18 -21.31 -6.25
CA GLU A 101 34.99 -20.63 -6.75
C GLU A 101 34.64 -21.09 -8.15
N GLN A 102 35.65 -21.29 -9.00
CA GLN A 102 35.39 -21.76 -10.36
C GLN A 102 35.13 -23.26 -10.42
N MET A 103 35.79 -24.05 -9.57
CA MET A 103 35.53 -25.49 -9.57
C MET A 103 34.11 -25.77 -9.15
N TYR A 104 33.61 -25.08 -8.13
CA TYR A 104 32.21 -25.23 -7.75
C TYR A 104 31.31 -24.79 -8.89
N ALA A 105 31.75 -23.81 -9.68
CA ALA A 105 30.96 -23.38 -10.83
C ALA A 105 30.83 -24.50 -11.85
N ILE A 106 31.79 -25.42 -11.88
CA ILE A 106 31.68 -26.57 -12.78
C ILE A 106 30.58 -27.51 -12.29
N PHE A 107 30.57 -27.78 -10.98
CA PHE A 107 29.61 -28.73 -10.44
C PHE A 107 28.18 -28.30 -10.73
N TYR A 108 27.86 -27.03 -10.47
CA TYR A 108 26.46 -26.61 -10.55
C TYR A 108 26.08 -26.19 -11.96
N CYS A 109 27.00 -25.55 -12.69
CA CYS A 109 26.72 -25.28 -14.10
C CYS A 109 26.71 -26.58 -14.89
N GLY A 110 27.55 -27.55 -14.51
CA GLY A 110 27.58 -28.84 -15.16
C GLY A 110 26.44 -29.75 -14.79
N VAL A 111 25.63 -29.38 -13.80
CA VAL A 111 24.45 -30.15 -13.44
C VAL A 111 23.17 -29.45 -13.90
N SER A 112 23.03 -28.16 -13.59
CA SER A 112 21.85 -27.42 -14.00
C SER A 112 21.74 -27.31 -15.52
N GLY A 113 22.87 -27.08 -16.18
CA GLY A 113 22.89 -27.01 -17.63
C GLY A 113 22.25 -28.24 -18.23
N PRO A 114 22.87 -29.41 -18.01
CA PRO A 114 22.26 -30.65 -18.51
C PRO A 114 20.84 -30.87 -18.00
N PHE A 115 20.53 -30.37 -16.80
CA PHE A 115 19.17 -30.48 -16.30
C PHE A 115 18.21 -29.58 -17.07
N GLY A 116 18.63 -28.34 -17.34
CA GLY A 116 17.80 -27.46 -18.15
C GLY A 116 17.57 -28.01 -19.53
N LEU A 117 18.59 -28.62 -20.13
CA LEU A 117 18.43 -29.27 -21.42
C LEU A 117 17.49 -30.47 -21.31
N TYR A 118 17.63 -31.29 -20.26
CA TYR A 118 16.74 -32.43 -20.09
C TYR A 118 15.30 -31.98 -19.90
N ILE A 119 15.10 -30.89 -19.17
CA ILE A 119 13.76 -30.32 -19.05
C ILE A 119 13.28 -29.84 -20.40
N MET A 120 14.09 -29.03 -21.07
CA MET A 120 13.68 -28.45 -22.35
C MET A 120 13.58 -29.51 -23.43
N TYR A 121 14.36 -30.58 -23.32
CA TYR A 121 14.20 -31.69 -24.25
C TYR A 121 12.83 -32.34 -24.08
N HIS A 122 12.38 -32.51 -22.83
CA HIS A 122 11.04 -33.01 -22.54
C HIS A 122 10.03 -31.87 -22.52
N SER A 123 10.02 -31.10 -23.60
CA SER A 123 9.11 -29.98 -23.74
C SER A 123 9.11 -29.65 -25.22
N ASP A 124 8.21 -28.75 -25.60
CA ASP A 124 8.10 -28.32 -26.99
C ASP A 124 9.02 -27.14 -27.32
N LEU A 125 9.88 -26.76 -26.37
CA LEU A 125 10.79 -25.63 -26.54
C LEU A 125 12.09 -26.13 -27.13
N TRP A 126 12.16 -27.39 -27.55
CA TRP A 126 13.45 -27.98 -27.87
C TRP A 126 14.19 -27.17 -28.93
N LEU A 127 15.51 -27.08 -28.75
CA LEU A 127 16.37 -26.29 -29.63
C LEU A 127 15.91 -24.83 -29.69
N PHE A 128 15.61 -24.28 -28.52
CA PHE A 128 15.38 -22.84 -28.40
C PHE A 128 14.24 -22.39 -29.30
N LYS A 129 13.23 -23.25 -29.45
CA LYS A 129 12.05 -22.91 -30.22
C LYS A 129 11.34 -21.75 -29.54
N THR A 130 11.28 -20.62 -30.22
CA THR A 130 10.73 -19.41 -29.62
C THR A 130 9.21 -19.32 -29.70
N LYS A 131 8.59 -19.99 -30.67
CA LYS A 131 7.13 -20.00 -30.74
C LYS A 131 6.50 -20.58 -29.48
N PRO A 132 6.92 -21.72 -28.96
CA PRO A 132 6.27 -22.28 -27.77
C PRO A 132 6.38 -21.36 -26.56
N MET A 133 7.33 -20.44 -26.53
CA MET A 133 7.44 -19.53 -25.40
C MET A 133 6.15 -18.75 -25.20
N TYR A 134 5.37 -18.57 -26.26
CA TYR A 134 4.24 -17.65 -26.25
C TYR A 134 2.91 -18.28 -26.59
N ARG A 135 2.89 -19.44 -27.26
CA ARG A 135 1.62 -20.03 -27.67
C ARG A 135 0.75 -20.33 -26.46
N THR A 136 1.32 -20.90 -25.41
CA THR A 136 0.58 -21.34 -24.24
C THR A 136 0.56 -20.29 -23.13
N TYR A 137 1.08 -19.10 -23.39
CA TYR A 137 1.11 -18.08 -22.35
C TYR A 137 -0.31 -17.60 -22.05
N PRO A 138 -0.64 -17.34 -20.78
CA PRO A 138 0.17 -17.55 -19.57
C PRO A 138 0.29 -19.01 -19.19
N VAL A 139 1.47 -19.44 -18.76
CA VAL A 139 1.68 -20.80 -18.26
C VAL A 139 1.58 -20.69 -16.74
N ILE A 140 0.36 -20.82 -16.24
CA ILE A 140 0.10 -20.56 -14.83
C ILE A 140 0.54 -21.74 -13.99
N THR A 141 0.63 -22.93 -14.59
CA THR A 141 1.10 -24.13 -13.91
C THR A 141 2.27 -24.72 -14.69
N ASN A 142 3.25 -25.27 -13.97
CA ASN A 142 4.45 -25.79 -14.57
C ASN A 142 4.55 -27.30 -14.38
N PRO A 143 5.20 -28.01 -15.30
CA PRO A 143 5.50 -29.43 -15.07
C PRO A 143 6.31 -29.63 -13.80
N PHE A 144 6.43 -30.88 -13.35
CA PHE A 144 7.20 -31.16 -12.14
C PHE A 144 8.62 -30.68 -12.28
N LEU A 145 9.27 -31.02 -13.40
CA LEU A 145 10.67 -30.66 -13.58
C LEU A 145 10.97 -29.18 -13.75
N PHE A 146 10.11 -28.45 -14.47
CA PHE A 146 10.32 -27.02 -14.62
C PHE A 146 10.16 -26.24 -13.31
N LYS A 147 9.24 -26.71 -12.47
CA LYS A 147 9.04 -26.07 -11.17
C LYS A 147 10.24 -26.44 -10.33
N ILE A 148 10.68 -27.70 -10.39
CA ILE A 148 11.89 -28.11 -9.70
C ILE A 148 13.07 -27.27 -10.19
N PHE A 149 13.15 -27.08 -11.50
CA PHE A 149 14.23 -26.27 -12.06
C PHE A 149 14.16 -24.83 -11.58
N TYR A 150 13.00 -24.19 -11.75
CA TYR A 150 12.93 -22.76 -11.48
C TYR A 150 13.14 -22.48 -9.99
N LEU A 151 12.46 -23.23 -9.13
CA LEU A 151 12.65 -23.03 -7.70
C LEU A 151 14.03 -23.49 -7.27
N GLY A 152 14.55 -24.55 -7.89
CA GLY A 152 15.91 -24.98 -7.57
C GLY A 152 16.94 -23.93 -7.95
N GLN A 153 16.79 -23.31 -9.10
CA GLN A 153 17.66 -22.19 -9.45
C GLN A 153 17.42 -21.00 -8.53
N ALA A 154 16.15 -20.72 -8.22
CA ALA A 154 15.85 -19.66 -7.26
C ALA A 154 16.42 -19.99 -5.90
N ALA A 155 16.34 -21.26 -5.50
CA ALA A 155 16.96 -21.69 -4.25
C ALA A 155 18.48 -21.59 -4.32
N PHE A 156 19.07 -21.99 -5.45
CA PHE A 156 20.52 -21.94 -5.57
C PHE A 156 21.03 -20.50 -5.57
N TRP A 157 20.46 -19.66 -6.43
CA TRP A 157 21.00 -18.32 -6.57
C TRP A 157 20.63 -17.44 -5.39
N ALA A 158 19.57 -17.77 -4.67
CA ALA A 158 19.28 -17.08 -3.42
C ALA A 158 20.36 -17.36 -2.38
N GLN A 159 20.80 -18.62 -2.29
CA GLN A 159 21.87 -18.95 -1.36
C GLN A 159 23.16 -18.24 -1.76
N GLN A 160 23.51 -18.25 -3.04
CA GLN A 160 24.73 -17.60 -3.48
C GLN A 160 24.68 -16.11 -3.21
N ALA A 161 23.53 -15.48 -3.46
CA ALA A 161 23.37 -14.08 -3.10
C ALA A 161 23.38 -13.90 -1.59
N CYS A 162 22.86 -14.88 -0.85
CA CYS A 162 22.84 -14.77 0.60
C CYS A 162 24.25 -14.78 1.17
N VAL A 163 25.07 -15.76 0.77
CA VAL A 163 26.43 -15.83 1.28
C VAL A 163 27.23 -14.63 0.81
N LEU A 164 26.97 -14.15 -0.42
CA LEU A 164 27.72 -13.02 -0.94
C LEU A 164 27.45 -11.75 -0.13
N VAL A 165 26.18 -11.51 0.21
CA VAL A 165 25.85 -10.33 1.01
C VAL A 165 26.37 -10.47 2.43
N LEU A 166 26.38 -11.68 2.98
CA LEU A 166 27.00 -11.89 4.28
C LEU A 166 28.46 -11.48 4.28
N GLN A 167 29.12 -11.57 3.11
CA GLN A 167 30.53 -11.22 2.99
C GLN A 167 31.37 -12.02 3.98
N LEU A 168 31.11 -13.33 4.06
CA LEU A 168 31.87 -14.18 4.95
C LEU A 168 33.36 -14.11 4.64
N GLU A 169 33.71 -13.80 3.40
CA GLU A 169 35.09 -13.57 3.00
C GLU A 169 35.22 -12.13 2.51
N LYS A 170 36.39 -11.55 2.71
CA LYS A 170 36.59 -10.15 2.35
C LYS A 170 36.28 -9.97 0.87
N PRO A 171 35.43 -9.01 0.49
CA PRO A 171 35.06 -8.87 -0.91
C PRO A 171 36.28 -8.63 -1.79
N ARG A 172 36.24 -9.20 -2.99
CA ARG A 172 37.32 -9.05 -3.95
C ARG A 172 36.99 -7.91 -4.91
N LYS A 173 37.96 -7.60 -5.79
CA LYS A 173 37.78 -6.48 -6.71
C LYS A 173 36.62 -6.72 -7.67
N ASP A 174 36.27 -7.98 -7.92
CA ASP A 174 35.17 -8.34 -8.80
C ASP A 174 33.87 -8.57 -8.02
N TYR A 175 33.84 -8.21 -6.74
CA TYR A 175 32.66 -8.43 -5.93
C TYR A 175 31.44 -7.75 -6.52
N LYS A 176 31.63 -6.58 -7.14
CA LYS A 176 30.50 -5.85 -7.72
C LYS A 176 29.83 -6.66 -8.82
N GLU A 177 30.62 -7.29 -9.69
CA GLU A 177 30.04 -8.08 -10.76
C GLU A 177 29.32 -9.31 -10.22
N LEU A 178 29.85 -9.91 -9.15
CA LEU A 178 29.16 -11.04 -8.53
C LEU A 178 27.82 -10.62 -7.96
N VAL A 179 27.76 -9.43 -7.34
CA VAL A 179 26.49 -8.95 -6.81
C VAL A 179 25.49 -8.74 -7.93
N PHE A 180 25.93 -8.09 -9.01
CA PHE A 180 25.05 -7.85 -10.15
C PHE A 180 24.59 -9.17 -10.77
N HIS A 181 25.53 -10.10 -10.91
CA HIS A 181 25.21 -11.41 -11.54
C HIS A 181 24.13 -12.11 -10.71
N HIS A 182 24.28 -12.15 -9.39
CA HIS A 182 23.36 -12.87 -8.52
C HIS A 182 22.03 -12.14 -8.41
N ILE A 183 22.06 -10.82 -8.22
CA ILE A 183 20.83 -10.07 -8.06
C ILE A 183 20.06 -10.03 -9.38
N VAL A 184 20.76 -9.90 -10.50
CA VAL A 184 20.07 -9.92 -11.78
C VAL A 184 19.56 -11.31 -12.11
N THR A 185 20.35 -12.34 -11.83
CA THR A 185 19.91 -13.71 -12.09
C THR A 185 18.70 -14.07 -11.25
N LEU A 186 18.71 -13.66 -9.97
CA LEU A 186 17.54 -13.90 -9.12
C LEU A 186 16.33 -13.16 -9.67
N LEU A 187 16.53 -11.91 -10.08
CA LEU A 187 15.41 -11.09 -10.55
C LEU A 187 14.81 -11.70 -11.81
N LEU A 188 15.66 -12.17 -12.72
CA LEU A 188 15.15 -12.82 -13.93
C LEU A 188 14.44 -14.12 -13.60
N ILE A 189 15.01 -14.94 -12.72
CA ILE A 189 14.36 -16.19 -12.32
C ILE A 189 13.01 -15.91 -11.69
N TRP A 190 12.96 -14.94 -10.76
CA TRP A 190 11.72 -14.67 -10.05
C TRP A 190 10.69 -14.01 -10.95
N SER A 191 11.11 -13.04 -11.77
CA SER A 191 10.16 -12.35 -12.64
C SER A 191 9.53 -13.31 -13.64
N SER A 192 10.33 -14.16 -14.28
CA SER A 192 9.78 -15.08 -15.26
C SER A 192 8.82 -16.07 -14.62
N TYR A 193 9.16 -16.57 -13.43
CA TYR A 193 8.29 -17.53 -12.76
C TYR A 193 7.00 -16.89 -12.29
N VAL A 194 7.09 -15.72 -11.66
CA VAL A 194 5.91 -15.07 -11.11
C VAL A 194 4.97 -14.63 -12.22
N PHE A 195 5.50 -14.21 -13.36
CA PHE A 195 4.70 -13.71 -14.47
C PHE A 195 4.48 -14.76 -15.55
N HIS A 196 4.62 -16.04 -15.21
CA HIS A 196 4.26 -17.14 -16.08
C HIS A 196 5.06 -17.16 -17.38
N PHE A 197 6.28 -16.63 -17.34
CA PHE A 197 7.20 -16.68 -18.47
C PHE A 197 8.24 -17.78 -18.32
N THR A 198 7.87 -18.88 -17.67
CA THR A 198 8.85 -19.93 -17.40
C THR A 198 9.38 -20.55 -18.68
N LYS A 199 8.51 -20.73 -19.68
CA LYS A 199 8.97 -21.30 -20.94
C LYS A 199 9.99 -20.40 -21.61
N MET A 200 9.74 -19.08 -21.61
CA MET A 200 10.71 -18.15 -22.17
C MET A 200 12.00 -18.15 -21.34
N GLY A 201 11.87 -18.14 -20.01
CA GLY A 201 13.03 -18.01 -19.15
C GLY A 201 13.89 -19.26 -19.06
N LEU A 202 13.30 -20.45 -19.29
CA LEU A 202 14.11 -21.67 -19.28
C LEU A 202 15.13 -21.66 -20.40
N ALA A 203 14.72 -21.22 -21.59
CA ALA A 203 15.66 -21.13 -22.69
C ALA A 203 16.77 -20.12 -22.38
N ILE A 204 16.41 -18.96 -21.84
CA ILE A 204 17.40 -17.94 -21.53
C ILE A 204 18.33 -18.42 -20.42
N TYR A 205 17.77 -19.14 -19.44
CA TYR A 205 18.61 -19.63 -18.35
C TYR A 205 19.59 -20.69 -18.85
N ILE A 206 19.15 -21.55 -19.75
CA ILE A 206 20.03 -22.59 -20.28
C ILE A 206 21.24 -21.96 -20.95
N THR A 207 21.01 -20.93 -21.76
CA THR A 207 22.12 -20.25 -22.42
C THR A 207 23.10 -19.64 -21.43
N MET A 208 22.57 -19.00 -20.40
CA MET A 208 23.45 -18.34 -19.40
C MET A 208 24.17 -19.41 -18.58
N ASP A 209 23.52 -20.56 -18.31
CA ASP A 209 24.14 -21.63 -17.55
C ASP A 209 25.18 -22.33 -18.41
N VAL A 210 24.82 -22.74 -19.63
CA VAL A 210 25.73 -23.55 -20.43
C VAL A 210 27.00 -22.78 -20.75
N SER A 211 26.87 -21.52 -21.12
CA SER A 211 28.05 -20.71 -21.39
C SER A 211 28.92 -20.59 -20.14
N ASP A 212 28.29 -20.37 -18.99
CA ASP A 212 29.04 -20.24 -17.74
C ASP A 212 29.82 -21.51 -17.44
N PHE A 213 29.22 -22.68 -17.67
CA PHE A 213 29.94 -23.93 -17.44
C PHE A 213 31.28 -23.92 -18.14
N PHE A 214 31.29 -23.49 -19.41
CA PHE A 214 32.54 -23.45 -20.16
C PHE A 214 33.41 -22.29 -19.69
N LEU A 215 32.80 -21.19 -19.24
CA LEU A 215 33.59 -20.10 -18.70
C LEU A 215 34.41 -20.56 -17.51
N SER A 216 33.75 -21.17 -16.53
CA SER A 216 34.46 -21.64 -15.35
C SER A 216 35.43 -22.76 -15.71
N LEU A 217 35.00 -23.71 -16.54
CA LEU A 217 35.91 -24.78 -16.93
C LEU A 217 37.11 -24.22 -17.69
N SER A 218 36.86 -23.30 -18.61
CA SER A 218 37.96 -22.62 -19.28
C SER A 218 38.83 -21.86 -18.28
N LYS A 219 38.19 -21.10 -17.39
CA LYS A 219 38.93 -20.33 -16.41
C LYS A 219 39.68 -21.23 -15.45
N THR A 220 39.08 -22.35 -15.06
CA THR A 220 39.74 -23.26 -14.13
C THR A 220 41.06 -23.75 -14.70
N LEU A 221 41.07 -24.14 -15.97
CA LEU A 221 42.30 -24.62 -16.58
C LEU A 221 43.30 -23.49 -16.76
N ASN A 222 42.82 -22.25 -16.97
CA ASN A 222 43.73 -21.12 -17.02
C ASN A 222 44.46 -20.94 -15.70
N TYR A 223 43.74 -21.12 -14.57
CA TYR A 223 44.41 -21.15 -13.28
C TYR A 223 45.41 -22.29 -13.22
N LEU A 224 45.10 -23.41 -13.87
CA LEU A 224 46.04 -24.51 -14.02
C LEU A 224 46.93 -24.23 -15.22
N ASN A 225 47.67 -25.24 -15.67
CA ASN A 225 48.51 -25.14 -16.86
C ASN A 225 48.38 -26.45 -17.63
N SER A 226 47.58 -26.43 -18.69
CA SER A 226 47.36 -27.62 -19.48
C SER A 226 47.21 -27.24 -20.95
N VAL A 227 47.46 -28.21 -21.82
CA VAL A 227 47.21 -28.02 -23.25
C VAL A 227 45.72 -27.94 -23.55
N PHE A 228 44.86 -28.31 -22.59
CA PHE A 228 43.43 -28.27 -22.80
C PHE A 228 42.83 -26.89 -22.55
N THR A 229 43.58 -25.96 -21.97
CA THR A 229 43.01 -24.64 -21.70
C THR A 229 42.60 -23.93 -22.97
N PRO A 230 43.46 -23.83 -24.00
CA PRO A 230 42.99 -23.22 -25.26
C PRO A 230 41.87 -23.98 -25.91
N PHE A 231 41.89 -25.30 -25.81
CA PHE A 231 40.84 -26.10 -26.43
C PHE A 231 39.48 -25.83 -25.79
N VAL A 232 39.44 -25.79 -24.46
CA VAL A 232 38.19 -25.53 -23.77
C VAL A 232 37.76 -24.09 -23.97
N PHE A 233 38.71 -23.16 -23.95
CA PHE A 233 38.40 -21.77 -24.26
C PHE A 233 37.85 -21.64 -25.67
N GLY A 234 38.44 -22.37 -26.62
CA GLY A 234 37.86 -22.41 -27.96
C GLY A 234 36.45 -22.96 -27.96
N LEU A 235 36.20 -24.00 -27.17
CA LEU A 235 34.83 -24.49 -27.03
C LEU A 235 33.94 -23.44 -26.40
N PHE A 236 34.52 -22.60 -25.53
CA PHE A 236 33.72 -21.61 -24.82
C PHE A 236 33.22 -20.50 -25.75
N VAL A 237 34.07 -20.06 -26.69
CA VAL A 237 33.66 -18.98 -27.58
C VAL A 237 32.54 -19.48 -28.48
N PHE A 238 32.66 -20.72 -28.97
CA PHE A 238 31.61 -21.28 -29.79
C PHE A 238 30.29 -21.31 -29.03
N PHE A 239 30.31 -21.84 -27.81
CA PHE A 239 29.08 -21.92 -27.02
C PHE A 239 28.61 -20.56 -26.53
N TRP A 240 29.54 -19.65 -26.24
CA TRP A 240 29.14 -18.31 -25.82
C TRP A 240 28.45 -17.56 -26.96
N ILE A 241 29.08 -17.55 -28.13
CA ILE A 241 28.52 -16.84 -29.27
C ILE A 241 27.17 -17.45 -29.65
N TYR A 242 27.11 -18.78 -29.70
CA TYR A 242 25.87 -19.44 -30.11
C TYR A 242 24.76 -19.21 -29.09
N LEU A 243 25.08 -19.30 -27.81
CA LEU A 243 24.04 -19.28 -26.78
C LEU A 243 23.74 -17.87 -26.28
N ARG A 244 24.77 -17.11 -25.94
CA ARG A 244 24.54 -15.77 -25.40
C ARG A 244 24.12 -14.77 -26.48
N HIS A 245 24.45 -15.04 -27.74
CA HIS A 245 24.18 -14.08 -28.81
C HIS A 245 23.24 -14.63 -29.86
N VAL A 246 23.55 -15.77 -30.48
CA VAL A 246 22.68 -16.28 -31.54
C VAL A 246 21.33 -16.68 -30.95
N VAL A 247 21.34 -17.42 -29.85
CA VAL A 247 20.09 -17.87 -29.26
C VAL A 247 19.35 -16.70 -28.61
N ASN A 248 20.07 -15.85 -27.88
CA ASN A 248 19.39 -14.77 -27.16
C ASN A 248 18.90 -13.69 -28.12
N ILE A 249 19.62 -13.48 -29.23
CA ILE A 249 19.09 -12.59 -30.27
C ILE A 249 17.82 -13.17 -30.87
N ARG A 250 17.84 -14.46 -31.18
CA ARG A 250 16.63 -15.10 -31.71
C ARG A 250 15.49 -15.01 -30.70
N ILE A 251 15.80 -15.15 -29.41
CA ILE A 251 14.79 -14.92 -28.39
C ILE A 251 14.39 -13.45 -28.35
N LEU A 252 15.36 -12.55 -28.50
CA LEU A 252 15.04 -11.13 -28.58
C LEU A 252 14.14 -10.84 -29.78
N TRP A 253 14.46 -11.42 -30.94
CA TRP A 253 13.65 -11.15 -32.12
C TRP A 253 12.23 -11.66 -31.94
N SER A 254 12.07 -12.82 -31.31
CA SER A 254 10.73 -13.36 -31.08
C SER A 254 9.92 -12.46 -30.18
N VAL A 255 10.57 -11.79 -29.21
CA VAL A 255 9.85 -10.85 -28.36
C VAL A 255 9.28 -9.70 -29.18
N LEU A 256 9.81 -9.49 -30.38
CA LEU A 256 9.30 -8.47 -31.28
C LEU A 256 8.39 -9.02 -32.37
N THR A 257 8.42 -10.34 -32.61
CA THR A 257 7.67 -10.92 -33.72
C THR A 257 6.94 -12.20 -33.38
N GLU A 258 7.01 -12.67 -32.13
CA GLU A 258 6.19 -13.78 -31.67
C GLU A 258 5.52 -13.50 -30.34
N PHE A 259 5.97 -12.47 -29.62
CA PHE A 259 5.20 -11.96 -28.50
C PHE A 259 3.81 -11.54 -28.97
N ARG A 260 3.68 -11.10 -30.22
CA ARG A 260 2.44 -10.54 -30.73
C ARG A 260 1.66 -11.62 -31.47
N HIS A 261 2.33 -12.43 -32.28
CA HIS A 261 1.66 -13.39 -33.14
C HIS A 261 1.34 -14.80 -32.61
N GLU A 262 2.15 -15.25 -31.65
CA GLU A 262 1.91 -16.50 -30.95
C GLU A 262 1.15 -16.38 -29.63
N GLY A 263 0.10 -17.17 -29.49
CA GLY A 263 -0.69 -17.11 -28.28
C GLY A 263 -1.53 -15.84 -28.23
N ASN A 264 -2.12 -15.63 -27.06
CA ASN A 264 -3.00 -14.49 -26.86
C ASN A 264 -2.18 -13.23 -26.63
N TYR A 265 -2.63 -12.13 -27.22
CA TYR A 265 -1.94 -10.85 -27.13
C TYR A 265 -2.80 -9.75 -26.53
N VAL A 266 -4.05 -10.04 -26.17
CA VAL A 266 -4.90 -9.05 -25.55
C VAL A 266 -4.71 -9.10 -24.04
N LEU A 267 -4.34 -7.96 -23.46
CA LEU A 267 -4.18 -7.89 -22.01
C LEU A 267 -5.50 -8.25 -21.33
N ASN A 268 -5.42 -9.15 -20.35
CA ASN A 268 -6.60 -9.56 -19.59
C ASN A 268 -6.13 -9.84 -18.17
N PHE A 269 -6.31 -8.86 -17.28
CA PHE A 269 -5.88 -9.03 -15.90
C PHE A 269 -6.67 -10.13 -15.21
N ALA A 270 -7.92 -10.35 -15.62
CA ALA A 270 -8.72 -11.41 -15.00
C ALA A 270 -8.04 -12.76 -15.15
N THR A 271 -7.50 -13.03 -16.32
CA THR A 271 -6.92 -14.32 -16.66
C THR A 271 -5.40 -14.32 -16.57
N GLN A 272 -4.81 -13.32 -15.94
CA GLN A 272 -3.36 -13.25 -15.74
C GLN A 272 -2.62 -13.23 -17.07
N GLN A 273 -3.26 -12.68 -18.10
CA GLN A 273 -2.70 -12.63 -19.45
C GLN A 273 -1.93 -11.31 -19.57
N TYR A 274 -0.66 -11.35 -19.21
CA TYR A 274 0.19 -10.16 -19.20
C TYR A 274 0.95 -9.96 -20.50
N LYS A 275 0.90 -10.90 -21.43
CA LYS A 275 1.55 -10.75 -22.72
C LYS A 275 0.72 -9.79 -23.56
N CYS A 276 1.19 -8.55 -23.68
CA CYS A 276 0.47 -7.51 -24.37
C CYS A 276 1.46 -6.44 -24.83
N TRP A 277 0.94 -5.37 -25.41
CA TRP A 277 1.76 -4.26 -25.88
C TRP A 277 2.47 -3.54 -24.75
N ILE A 278 2.02 -3.69 -23.51
CA ILE A 278 2.69 -3.07 -22.37
C ILE A 278 3.88 -3.89 -21.92
N SER A 279 3.75 -5.22 -21.92
CA SER A 279 4.83 -6.09 -21.50
C SER A 279 5.90 -6.26 -22.56
N LEU A 280 5.56 -6.05 -23.83
CA LEU A 280 6.57 -6.22 -24.88
C LEU A 280 7.77 -5.31 -24.68
N PRO A 281 7.61 -4.01 -24.44
CA PRO A 281 8.80 -3.19 -24.15
C PRO A 281 9.56 -3.67 -22.93
N ILE A 282 8.85 -4.15 -21.90
CA ILE A 282 9.53 -4.59 -20.69
C ILE A 282 10.35 -5.84 -20.97
N VAL A 283 9.74 -6.84 -21.61
CA VAL A 283 10.47 -8.06 -21.93
C VAL A 283 11.62 -7.74 -22.87
N PHE A 284 11.38 -6.91 -23.88
CA PHE A 284 12.44 -6.55 -24.80
C PHE A 284 13.55 -5.80 -24.08
N VAL A 285 13.19 -4.88 -23.19
CA VAL A 285 14.20 -4.14 -22.44
C VAL A 285 15.02 -5.08 -21.56
N LEU A 286 14.35 -6.01 -20.88
CA LEU A 286 15.07 -6.92 -19.99
C LEU A 286 16.00 -7.84 -20.78
N ILE A 287 15.47 -8.51 -21.80
CA ILE A 287 16.30 -9.41 -22.59
C ILE A 287 17.38 -8.64 -23.34
N ALA A 288 17.02 -7.48 -23.89
CA ALA A 288 18.01 -6.65 -24.57
C ALA A 288 19.08 -6.17 -23.60
N ALA A 289 18.67 -5.79 -22.39
CA ALA A 289 19.65 -5.40 -21.38
C ALA A 289 20.60 -6.55 -21.07
N LEU A 290 20.06 -7.77 -20.97
CA LEU A 290 20.92 -8.93 -20.78
C LEU A 290 21.88 -9.10 -21.95
N GLN A 291 21.37 -8.95 -23.18
CA GLN A 291 22.24 -9.06 -24.35
C GLN A 291 23.27 -7.94 -24.38
N LEU A 292 22.87 -6.72 -23.98
CA LEU A 292 23.85 -5.64 -23.92
C LEU A 292 24.96 -5.97 -22.93
N VAL A 293 24.61 -6.51 -21.77
CA VAL A 293 25.63 -6.98 -20.84
C VAL A 293 26.46 -8.08 -21.50
N ASN A 294 25.79 -9.01 -22.20
CA ASN A 294 26.52 -10.07 -22.88
C ASN A 294 27.48 -9.50 -23.92
N LEU A 295 27.04 -8.48 -24.67
CA LEU A 295 27.94 -7.85 -25.63
C LEU A 295 29.16 -7.26 -24.93
N TYR A 296 28.96 -6.61 -23.79
CA TYR A 296 30.09 -6.09 -23.03
C TYR A 296 31.02 -7.22 -22.62
N TRP A 297 30.47 -8.33 -22.13
CA TRP A 297 31.29 -9.49 -21.84
C TRP A 297 31.94 -10.03 -23.10
N LEU A 298 31.19 -10.07 -24.22
CA LEU A 298 31.78 -10.49 -25.48
C LEU A 298 32.99 -9.64 -25.82
N PHE A 299 32.93 -8.33 -25.52
CA PHE A 299 34.09 -7.48 -25.74
C PHE A 299 35.28 -7.96 -24.91
N LEU A 300 35.03 -8.31 -23.65
CA LEU A 300 36.10 -8.85 -22.82
C LEU A 300 36.68 -10.13 -23.41
N ILE A 301 35.80 -11.08 -23.74
CA ILE A 301 36.29 -12.34 -24.27
C ILE A 301 37.05 -12.12 -25.57
N LEU A 302 36.59 -11.17 -26.38
CA LEU A 302 37.25 -10.93 -27.67
C LEU A 302 38.62 -10.29 -27.48
N ARG A 303 38.75 -9.37 -26.52
CA ARG A 303 40.06 -8.77 -26.27
C ARG A 303 40.97 -9.74 -25.50
N ILE A 304 40.39 -10.51 -24.57
CA ILE A 304 41.16 -11.58 -23.94
C ILE A 304 41.50 -12.67 -24.96
N LEU A 305 40.74 -12.77 -26.05
CA LEU A 305 41.09 -13.71 -27.09
C LEU A 305 42.28 -13.22 -27.90
N TYR A 306 42.34 -11.92 -28.18
CA TYR A 306 43.51 -11.37 -28.85
C TYR A 306 44.75 -11.52 -27.98
N ARG A 307 44.62 -11.28 -26.68
CA ARG A 307 45.73 -11.53 -25.77
C ARG A 307 46.12 -13.00 -25.73
N LEU A 308 45.15 -13.91 -25.94
CA LEU A 308 45.49 -15.32 -26.05
C LEU A 308 46.35 -15.57 -27.29
N ILE A 309 46.03 -14.92 -28.40
CA ILE A 309 46.77 -15.11 -29.64
C ILE A 309 48.11 -14.38 -29.57
N PHE B 1 19.50 44.51 -1.29
CA PHE B 1 18.14 43.99 -0.98
C PHE B 1 18.17 42.99 0.17
N ARG B 2 19.13 42.06 0.11
CA ARG B 2 19.21 41.03 1.14
C ARG B 2 19.36 41.62 2.54
N GLU B 3 19.89 42.84 2.65
CA GLU B 3 19.95 43.50 3.95
C GLU B 3 18.56 43.71 4.53
N ILE B 4 17.62 44.18 3.71
CA ILE B 4 16.26 44.36 4.18
C ILE B 4 15.60 43.01 4.41
N SER B 5 15.85 42.04 3.54
CA SER B 5 15.31 40.70 3.74
C SER B 5 15.87 40.04 4.99
N TYR B 6 16.96 40.56 5.54
CA TYR B 6 17.52 40.04 6.77
C TYR B 6 16.99 40.78 7.99
N ARG B 7 17.14 42.11 7.98
CA ARG B 7 16.65 42.91 9.10
C ARG B 7 15.15 42.74 9.28
N HIS B 8 14.42 42.43 8.20
CA HIS B 8 12.98 42.22 8.23
C HIS B 8 12.71 40.83 7.66
N ALA B 9 12.77 39.83 8.52
CA ALA B 9 12.48 38.45 8.11
C ALA B 9 11.04 38.28 7.66
N TRP B 10 10.16 39.23 7.98
CA TRP B 10 8.77 39.18 7.55
C TRP B 10 8.58 39.72 6.14
N ILE B 11 9.64 40.21 5.50
CA ILE B 11 9.53 40.54 4.08
C ILE B 11 9.37 39.26 3.27
N ALA B 12 10.10 38.21 3.63
CA ALA B 12 10.09 36.98 2.86
C ALA B 12 8.69 36.43 2.66
N PRO B 13 7.84 36.30 3.70
CA PRO B 13 6.51 35.75 3.48
C PRO B 13 5.42 36.79 3.30
N LEU B 14 5.74 38.09 3.40
CA LEU B 14 4.75 39.11 3.07
C LEU B 14 4.56 39.23 1.56
N MET B 15 5.58 38.88 0.77
CA MET B 15 5.44 38.96 -0.68
C MET B 15 4.38 37.98 -1.18
N ILE B 16 4.48 36.71 -0.78
CA ILE B 16 3.48 35.74 -1.20
C ILE B 16 2.13 36.09 -0.62
N LEU B 17 2.11 36.61 0.61
CA LEU B 17 0.84 37.03 1.21
C LEU B 17 0.19 38.14 0.41
N ILE B 18 0.97 39.15 0.02
CA ILE B 18 0.41 40.27 -0.72
C ILE B 18 0.03 39.85 -2.12
N ALA B 19 0.88 39.04 -2.77
CA ALA B 19 0.57 38.59 -4.12
C ALA B 19 -0.75 37.83 -4.17
N VAL B 20 -0.91 36.87 -3.26
CA VAL B 20 -2.10 36.02 -3.30
C VAL B 20 -3.36 36.83 -2.98
N TYR B 21 -3.33 37.62 -1.91
CA TYR B 21 -4.48 38.47 -1.61
C TYR B 21 -4.78 39.42 -2.76
N SER B 22 -3.77 40.16 -3.23
CA SER B 22 -3.98 41.05 -4.36
C SER B 22 -4.38 40.28 -5.60
N ALA B 23 -3.71 39.15 -5.86
CA ALA B 23 -4.09 38.33 -7.01
C ALA B 23 -5.50 37.78 -6.85
N TYR B 24 -5.84 37.34 -5.64
CA TYR B 24 -7.18 36.81 -5.39
C TYR B 24 -8.23 37.89 -5.47
N PHE B 25 -7.99 39.04 -4.83
CA PHE B 25 -9.00 40.09 -4.78
C PHE B 25 -9.16 40.79 -6.12
N THR B 26 -8.05 41.07 -6.81
CA THR B 26 -8.15 41.75 -8.09
C THR B 26 -8.95 40.95 -9.10
N SER B 27 -8.78 39.64 -9.13
CA SER B 27 -9.55 38.80 -10.01
C SER B 27 -11.04 38.93 -9.70
N GLY B 28 -11.87 38.90 -10.74
CA GLY B 28 -13.30 39.05 -10.57
C GLY B 28 -14.03 37.82 -10.09
N ASN B 29 -13.33 36.70 -9.93
CA ASN B 29 -13.98 35.47 -9.53
C ASN B 29 -14.31 35.49 -8.04
N THR B 30 -13.27 35.55 -7.19
CA THR B 30 -13.41 35.54 -5.74
C THR B 30 -14.45 34.57 -5.19
N THR B 31 -14.51 33.35 -5.76
CA THR B 31 -15.33 32.28 -5.20
C THR B 31 -14.55 30.98 -5.26
N LYS B 32 -15.20 29.86 -4.93
CA LYS B 32 -14.51 28.58 -4.95
C LYS B 32 -13.95 28.16 -6.30
N THR B 33 -14.39 28.78 -7.39
CA THR B 33 -13.86 28.45 -8.71
C THR B 33 -12.46 29.02 -8.92
N ASN B 34 -12.14 30.14 -8.30
CA ASN B 34 -10.82 30.73 -8.45
C ASN B 34 -9.74 29.79 -7.93
N VAL B 35 -8.58 29.83 -8.58
CA VAL B 35 -7.49 28.93 -8.21
C VAL B 35 -7.00 29.25 -6.80
N LEU B 36 -6.94 30.53 -6.44
CA LEU B 36 -6.41 30.94 -5.15
C LEU B 36 -7.38 30.73 -4.00
N HIS B 37 -8.65 30.44 -4.28
CA HIS B 37 -9.62 30.27 -3.20
C HIS B 37 -9.25 29.10 -2.31
N ARG B 38 -8.76 28.00 -2.90
CA ARG B 38 -8.42 26.83 -2.10
C ARG B 38 -7.28 27.12 -1.14
N PHE B 39 -6.58 28.24 -1.32
CA PHE B 39 -5.51 28.66 -0.42
C PHE B 39 -5.94 29.79 0.51
N VAL B 40 -6.74 30.72 0.02
CA VAL B 40 -6.99 31.96 0.77
C VAL B 40 -8.23 31.89 1.65
N ALA B 41 -9.16 30.99 1.36
CA ALA B 41 -10.42 30.92 2.09
C ALA B 41 -10.75 29.47 2.41
N VAL B 42 -11.83 29.28 3.15
CA VAL B 42 -12.30 27.95 3.52
C VAL B 42 -13.00 27.32 2.34
N SER B 43 -12.70 26.06 2.08
CA SER B 43 -13.20 25.35 0.91
C SER B 43 -14.39 24.47 1.29
N TYR B 44 -14.98 23.83 0.28
CA TYR B 44 -15.99 22.79 0.48
C TYR B 44 -17.18 23.29 1.29
N GLN B 45 -17.63 24.50 1.00
CA GLN B 45 -18.89 24.98 1.55
C GLN B 45 -20.05 24.29 0.85
N ILE B 46 -21.05 23.89 1.62
CA ILE B 46 -22.23 23.23 1.08
C ILE B 46 -23.33 24.28 0.96
N GLY B 47 -23.81 24.50 -0.27
CA GLY B 47 -24.88 25.44 -0.49
C GLY B 47 -24.56 26.80 0.10
N ASP B 48 -25.61 27.48 0.56
CA ASP B 48 -25.48 28.76 1.26
C ASP B 48 -25.39 28.58 2.77
N THR B 49 -25.43 27.34 3.26
CA THR B 49 -25.36 27.09 4.70
C THR B 49 -23.97 27.40 5.22
N ASN B 50 -23.85 27.42 6.55
CA ASN B 50 -22.59 27.74 7.21
C ASN B 50 -21.71 26.52 7.42
N ALA B 51 -22.12 25.36 6.94
CA ALA B 51 -21.37 24.12 7.17
C ALA B 51 -20.44 23.84 6.00
N TYR B 52 -19.18 23.54 6.31
CA TYR B 52 -18.14 23.34 5.32
C TYR B 52 -17.58 21.93 5.45
N GLY B 53 -17.48 21.22 4.34
CA GLY B 53 -16.95 19.88 4.33
C GLY B 53 -15.44 19.85 4.47
N LYS B 54 -14.88 18.68 4.32
CA LYS B 54 -13.45 18.53 4.51
C LYS B 54 -12.90 18.02 3.20
N GLY B 55 -11.60 18.05 3.01
CA GLY B 55 -10.99 17.66 1.73
C GLY B 55 -9.57 18.16 1.60
N ILE B 56 -8.93 18.00 0.45
CA ILE B 56 -7.49 18.35 0.29
C ILE B 56 -7.37 19.86 0.27
N ASN B 57 -8.35 20.57 -0.21
CA ASN B 57 -8.17 22.02 -0.19
C ASN B 57 -8.01 22.55 1.23
N ASP B 58 -8.25 21.72 2.22
CA ASP B 58 -8.04 22.10 3.64
C ASP B 58 -6.56 21.97 3.95
N LEU B 59 -5.78 21.34 3.08
CA LEU B 59 -4.32 21.20 3.26
C LEU B 59 -3.67 22.34 2.50
N CYS B 60 -4.36 22.93 1.54
CA CYS B 60 -3.83 24.05 0.75
C CYS B 60 -4.17 25.29 1.53
N PHE B 61 -5.28 25.27 2.22
CA PHE B 61 -5.53 26.37 3.15
C PHE B 61 -4.53 26.35 4.30
N VAL B 62 -4.33 25.25 5.00
CA VAL B 62 -3.32 25.17 6.09
C VAL B 62 -2.02 25.69 5.49
N PHE B 63 -1.43 25.05 4.47
CA PHE B 63 -0.11 25.44 3.91
C PHE B 63 -0.05 26.94 3.58
N TYR B 64 -1.08 27.51 3.06
CA TYR B 64 -1.00 28.93 2.72
C TYR B 64 -0.93 29.79 3.96
N TYR B 65 -1.71 29.46 4.99
CA TYR B 65 -1.69 30.24 6.21
C TYR B 65 -0.52 29.88 7.12
N MET B 66 0.14 28.75 6.87
CA MET B 66 1.45 28.54 7.47
C MET B 66 2.40 29.64 7.05
N ILE B 67 2.28 30.12 5.80
CA ILE B 67 3.01 31.29 5.36
C ILE B 67 2.56 32.51 6.15
N PHE B 68 1.23 32.67 6.31
CA PHE B 68 0.70 33.80 7.06
C PHE B 68 1.19 33.79 8.50
N PHE B 69 1.18 32.62 9.13
CA PHE B 69 1.68 32.51 10.49
C PHE B 69 3.20 32.61 10.55
N THR B 70 3.88 32.26 9.47
CA THR B 70 5.31 32.52 9.38
C THR B 70 5.57 34.00 9.16
N PHE B 71 4.65 34.70 8.49
CA PHE B 71 4.72 36.15 8.46
C PHE B 71 4.32 36.74 9.79
N LEU B 72 3.22 36.26 10.37
CA LEU B 72 2.73 36.83 11.62
C LEU B 72 3.73 36.63 12.75
N ARG B 73 4.37 35.45 12.79
CA ARG B 73 5.37 35.20 13.82
C ARG B 73 6.52 36.19 13.72
N GLU B 74 7.23 36.17 12.59
CA GLU B 74 8.42 37.00 12.45
C GLU B 74 8.08 38.48 12.40
N PHE B 75 6.96 38.84 11.77
CA PHE B 75 6.58 40.25 11.73
C PHE B 75 6.43 40.82 13.12
N LEU B 76 5.63 40.15 13.96
CA LEU B 76 5.34 40.70 15.29
C LEU B 76 6.60 40.73 16.15
N MET B 77 7.44 39.70 16.08
CA MET B 77 8.70 39.75 16.81
C MET B 77 9.62 40.84 16.28
N ASP B 78 9.66 41.02 14.97
CA ASP B 78 10.56 42.00 14.37
C ASP B 78 9.95 43.39 14.24
N VAL B 79 8.75 43.61 14.78
CA VAL B 79 8.08 44.90 14.71
C VAL B 79 7.69 45.41 16.09
N VAL B 80 7.11 44.54 16.92
CA VAL B 80 6.50 44.95 18.17
C VAL B 80 7.10 44.25 19.38
N ILE B 81 7.24 42.92 19.33
CA ILE B 81 7.71 42.19 20.52
C ILE B 81 9.16 42.56 20.82
N ARG B 82 10.05 42.36 19.85
CA ARG B 82 11.47 42.63 20.12
C ARG B 82 11.71 44.07 20.54
N PRO B 83 11.11 45.08 19.91
CA PRO B 83 11.17 46.42 20.51
C PRO B 83 10.55 46.48 21.89
N PHE B 84 9.48 45.71 22.13
CA PHE B 84 8.85 45.71 23.45
C PHE B 84 9.83 45.24 24.51
N ALA B 85 10.60 44.20 24.20
CA ALA B 85 11.65 43.76 25.13
C ALA B 85 12.69 44.85 25.32
N ILE B 86 13.15 45.47 24.22
CA ILE B 86 14.16 46.51 24.33
C ILE B 86 13.60 47.71 25.09
N ARG B 87 12.38 48.12 24.76
CA ARG B 87 11.77 49.25 25.45
C ARG B 87 11.34 48.90 26.87
N LEU B 88 11.40 47.63 27.25
CA LEU B 88 11.16 47.22 28.63
C LEU B 88 12.43 47.13 29.46
N HIS B 89 13.60 47.33 28.86
CA HIS B 89 14.87 47.35 29.57
C HIS B 89 15.18 45.99 30.20
N VAL B 90 15.14 44.95 29.37
CA VAL B 90 15.52 43.61 29.82
C VAL B 90 17.03 43.51 29.84
N THR B 91 17.58 43.05 30.98
CA THR B 91 19.02 43.11 31.21
C THR B 91 19.77 41.90 30.67
N SER B 92 19.09 40.86 30.22
CA SER B 92 19.74 39.64 29.75
C SER B 92 19.25 39.32 28.35
N LYS B 93 20.21 39.06 27.43
CA LYS B 93 19.85 38.66 26.08
C LYS B 93 19.17 37.30 26.07
N HIS B 94 19.63 36.37 26.91
CA HIS B 94 18.99 35.06 26.98
C HIS B 94 17.54 35.20 27.45
N ARG B 95 17.29 36.06 28.43
CA ARG B 95 15.91 36.33 28.83
C ARG B 95 15.13 36.98 27.70
N ILE B 96 15.77 37.87 26.94
CA ILE B 96 15.09 38.47 25.79
C ILE B 96 14.62 37.39 24.83
N LYS B 97 15.48 36.42 24.53
CA LYS B 97 15.10 35.36 23.61
C LYS B 97 13.91 34.57 24.15
N ARG B 98 13.90 34.28 25.45
CA ARG B 98 12.81 33.51 26.04
C ARG B 98 11.50 34.30 26.05
N ILE B 99 11.57 35.59 26.38
CA ILE B 99 10.36 36.40 26.44
C ILE B 99 9.79 36.64 25.05
N MET B 100 10.57 36.38 23.99
CA MET B 100 10.03 36.45 22.64
C MET B 100 8.90 35.45 22.45
N GLU B 101 9.17 34.19 22.77
CA GLU B 101 8.17 33.15 22.52
C GLU B 101 6.98 33.28 23.46
N GLN B 102 7.22 33.66 24.72
CA GLN B 102 6.11 33.84 25.64
C GLN B 102 5.27 35.06 25.25
N MET B 103 5.93 36.16 24.91
CA MET B 103 5.18 37.35 24.51
C MET B 103 4.38 37.07 23.24
N TYR B 104 4.98 36.32 22.31
CA TYR B 104 4.21 35.81 21.18
C TYR B 104 3.15 34.81 21.67
N ALA B 105 3.50 33.98 22.65
CA ALA B 105 2.54 33.04 23.20
C ALA B 105 1.36 33.75 23.83
N ILE B 106 1.62 34.82 24.60
CA ILE B 106 0.53 35.61 25.14
C ILE B 106 -0.36 36.10 24.02
N PHE B 107 0.24 36.52 22.91
CA PHE B 107 -0.54 37.00 21.78
C PHE B 107 -1.40 35.88 21.20
N TYR B 108 -0.75 34.84 20.64
CA TYR B 108 -1.50 33.90 19.82
C TYR B 108 -2.50 33.03 20.58
N THR B 109 -2.18 32.62 21.81
CA THR B 109 -3.19 31.98 22.63
C THR B 109 -4.15 32.99 23.26
N GLY B 110 -3.71 34.24 23.35
CA GLY B 110 -4.51 35.29 23.92
C GLY B 110 -5.57 35.74 22.96
N VAL B 111 -5.50 35.31 21.70
CA VAL B 111 -6.51 35.63 20.70
C VAL B 111 -7.16 34.33 20.25
N SER B 112 -6.45 33.22 20.44
CA SER B 112 -7.01 31.91 20.10
C SER B 112 -8.08 31.48 21.10
N GLY B 113 -7.83 31.67 22.39
CA GLY B 113 -8.80 31.33 23.40
C GLY B 113 -10.09 32.10 23.19
N PRO B 114 -9.97 33.43 23.08
CA PRO B 114 -11.17 34.22 22.77
C PRO B 114 -11.87 33.78 21.50
N PHE B 115 -11.12 33.40 20.47
CA PHE B 115 -11.76 32.83 19.29
C PHE B 115 -12.38 31.48 19.60
N GLY B 116 -11.67 30.64 20.35
CA GLY B 116 -12.20 29.32 20.66
C GLY B 116 -13.46 29.38 21.50
N ILE B 117 -13.46 30.19 22.55
CA ILE B 117 -14.67 30.35 23.36
C ILE B 117 -15.76 31.01 22.54
N TYR B 118 -15.39 31.87 21.59
CA TYR B 118 -16.37 32.40 20.66
C TYR B 118 -17.00 31.30 19.82
N CYS B 119 -16.18 30.40 19.29
CA CYS B 119 -16.72 29.27 18.54
C CYS B 119 -17.64 28.43 19.41
N MET B 120 -17.19 28.07 20.61
CA MET B 120 -18.00 27.25 21.49
C MET B 120 -19.27 27.97 21.90
N TYR B 121 -19.17 29.26 22.23
CA TYR B 121 -20.36 30.03 22.58
C TYR B 121 -21.40 29.99 21.47
N HIS B 122 -20.98 30.25 20.24
CA HIS B 122 -21.85 30.14 19.07
C HIS B 122 -21.95 28.69 18.62
N SER B 123 -22.32 27.82 19.55
CA SER B 123 -22.41 26.40 19.27
C SER B 123 -23.12 25.88 20.51
N ASP B 124 -23.71 24.71 20.38
CA ASP B 124 -24.37 24.05 21.51
C ASP B 124 -23.38 23.24 22.41
N LEU B 125 -22.12 23.61 22.32
CA LEU B 125 -21.04 22.98 23.06
C LEU B 125 -20.79 23.89 24.26
N TRP B 126 -21.54 24.99 24.38
CA TRP B 126 -21.23 25.96 25.42
C TRP B 126 -21.37 25.33 26.80
N PHE B 127 -20.68 25.93 27.77
CA PHE B 127 -20.60 25.40 29.13
C PHE B 127 -19.86 24.06 29.15
N PHE B 128 -19.04 23.80 28.14
CA PHE B 128 -18.37 22.52 27.99
C PHE B 128 -19.38 21.37 28.03
N ASN B 129 -20.34 21.42 27.12
CA ASN B 129 -21.41 20.43 27.06
C ASN B 129 -20.88 19.17 26.37
N THR B 130 -20.71 18.10 27.15
CA THR B 130 -20.22 16.85 26.59
C THR B 130 -21.27 16.13 25.75
N LYS B 131 -22.56 16.40 25.98
CA LYS B 131 -23.59 15.80 25.14
C LYS B 131 -23.39 16.17 23.68
N ALA B 132 -23.19 17.46 23.40
CA ALA B 132 -23.03 17.91 22.03
C ALA B 132 -21.84 17.25 21.34
N MET B 133 -20.86 16.75 22.10
CA MET B 133 -19.70 16.13 21.50
C MET B 133 -20.05 14.82 20.79
N TYR B 134 -21.21 14.24 21.08
CA TYR B 134 -21.52 12.90 20.60
C TYR B 134 -22.89 12.78 19.95
N ARG B 135 -23.85 13.66 20.24
CA ARG B 135 -25.18 13.49 19.67
C ARG B 135 -25.15 13.55 18.15
N THR B 136 -24.38 14.49 17.60
CA THR B 136 -24.36 14.72 16.16
C THR B 136 -23.19 14.02 15.47
N TYR B 137 -22.43 13.20 16.18
CA TYR B 137 -21.32 12.51 15.55
C TYR B 137 -21.84 11.51 14.52
N PRO B 138 -21.19 11.39 13.36
CA PRO B 138 -20.02 12.16 12.88
C PRO B 138 -20.41 13.55 12.42
N ASP B 139 -19.51 14.53 12.55
CA ASP B 139 -19.75 15.87 12.05
C ASP B 139 -18.86 16.06 10.82
N PHE B 140 -19.42 15.69 9.67
CA PHE B 140 -18.63 15.70 8.42
C PHE B 140 -18.42 17.13 7.95
N THR B 141 -19.32 18.05 8.21
CA THR B 141 -19.17 19.46 7.91
C THR B 141 -19.04 20.26 9.20
N ASN B 142 -18.43 21.42 9.09
CA ASN B 142 -18.19 22.28 10.25
C ASN B 142 -18.68 23.69 9.96
N PRO B 143 -19.13 24.42 10.98
CA PRO B 143 -19.41 25.84 10.80
C PRO B 143 -18.20 26.56 10.24
N PHE B 144 -18.43 27.77 9.72
CA PHE B 144 -17.32 28.55 9.19
C PHE B 144 -16.28 28.79 10.27
N LEU B 145 -16.73 29.19 11.46
CA LEU B 145 -15.80 29.46 12.55
C LEU B 145 -15.00 28.23 12.92
N PHE B 146 -15.66 27.07 12.97
CA PHE B 146 -14.97 25.84 13.36
C PHE B 146 -13.85 25.51 12.40
N LYS B 147 -14.15 25.49 11.10
CA LYS B 147 -13.14 25.13 10.11
C LYS B 147 -12.02 26.16 10.08
N VAL B 148 -12.37 27.45 10.19
CA VAL B 148 -11.34 28.48 10.29
C VAL B 148 -10.48 28.24 11.52
N PHE B 149 -11.12 28.00 12.67
CA PHE B 149 -10.38 27.72 13.88
C PHE B 149 -9.41 26.55 13.78
N TYR B 150 -9.92 25.38 13.39
CA TYR B 150 -9.08 24.19 13.35
C TYR B 150 -8.03 24.22 12.25
N LEU B 151 -8.44 24.61 11.06
CA LEU B 151 -7.51 24.68 9.91
C LEU B 151 -6.57 25.85 10.14
N GLY B 152 -6.98 26.95 10.76
CA GLY B 152 -6.07 28.00 11.17
C GLY B 152 -5.18 27.56 12.31
N GLN B 153 -5.74 26.86 13.29
CA GLN B 153 -4.94 26.32 14.38
C GLN B 153 -3.99 25.25 13.87
N ALA B 154 -4.32 24.45 12.90
CA ALA B 154 -3.38 23.45 12.45
C ALA B 154 -2.33 24.13 11.62
N ALA B 155 -2.70 25.18 10.88
CA ALA B 155 -1.64 25.91 10.21
C ALA B 155 -0.69 26.55 11.20
N PHE B 156 -1.23 27.15 12.27
CA PHE B 156 -0.37 27.84 13.22
C PHE B 156 0.61 26.88 13.88
N TRP B 157 0.13 25.73 14.33
CA TRP B 157 1.02 24.79 14.99
C TRP B 157 1.90 24.05 14.00
N ALA B 158 1.56 24.10 12.73
CA ALA B 158 2.38 23.33 11.81
C ALA B 158 3.58 24.19 11.52
N GLN B 159 3.38 25.50 11.42
CA GLN B 159 4.53 26.43 11.18
C GLN B 159 5.40 26.46 12.44
N GLN B 160 4.78 26.51 13.63
CA GLN B 160 5.56 26.52 14.89
C GLN B 160 6.34 25.21 15.00
N ALA B 161 5.72 24.08 14.67
CA ALA B 161 6.46 22.79 14.66
C ALA B 161 7.55 22.84 13.60
N CYS B 162 7.24 23.42 12.43
CA CYS B 162 8.22 23.46 11.31
C CYS B 162 9.43 24.29 11.73
N ILE B 163 9.19 25.52 12.21
CA ILE B 163 10.29 26.35 12.66
C ILE B 163 11.16 25.58 13.66
N LEU B 164 10.52 24.87 14.58
CA LEU B 164 11.28 24.08 15.53
C LEU B 164 12.05 22.96 14.83
N VAL B 165 11.47 22.39 13.78
CA VAL B 165 12.13 21.30 13.08
C VAL B 165 13.37 21.81 12.35
N LEU B 166 13.28 22.98 11.72
CA LEU B 166 14.45 23.55 11.06
C LEU B 166 15.41 24.23 12.03
N GLN B 167 15.04 24.32 13.30
CA GLN B 167 15.93 24.78 14.37
C GLN B 167 16.57 26.12 14.01
N LEU B 168 15.70 27.12 13.87
CA LEU B 168 16.19 28.48 13.63
C LEU B 168 17.24 28.86 14.67
N GLU B 169 17.02 28.49 15.93
CA GLU B 169 18.02 28.63 16.99
C GLU B 169 18.13 27.28 17.69
N LYS B 170 19.17 26.53 17.35
CA LYS B 170 19.30 25.16 17.84
C LYS B 170 19.29 25.08 19.36
N PRO B 171 20.09 25.85 20.10
CA PRO B 171 20.19 25.64 21.55
C PRO B 171 18.91 26.04 22.27
N ARG B 172 18.34 25.10 23.02
CA ARG B 172 17.16 25.36 23.83
C ARG B 172 17.00 24.20 24.80
N LYS B 173 16.90 24.51 26.09
CA LYS B 173 16.85 23.45 27.09
C LYS B 173 15.64 22.56 26.92
N ASP B 174 14.47 23.15 26.67
CA ASP B 174 13.23 22.39 26.55
C ASP B 174 12.83 22.15 25.11
N HIS B 175 13.80 22.03 24.21
CA HIS B 175 13.49 21.78 22.80
C HIS B 175 12.73 20.47 22.64
N ASN B 176 13.17 19.42 23.34
CA ASN B 176 12.44 18.16 23.29
C ASN B 176 11.03 18.32 23.85
N GLU B 177 10.89 19.10 24.92
CA GLU B 177 9.57 19.34 25.48
C GLU B 177 8.68 20.10 24.51
N LEU B 178 9.23 21.14 23.86
CA LEU B 178 8.45 21.88 22.88
C LEU B 178 8.14 21.01 21.66
N THR B 179 9.13 20.26 21.18
CA THR B 179 8.90 19.41 20.01
C THR B 179 7.75 18.45 20.26
N PHE B 180 7.70 17.88 21.47
CA PHE B 180 6.61 16.97 21.82
C PHE B 180 5.28 17.71 21.81
N HIS B 181 5.24 18.88 22.45
CA HIS B 181 3.97 19.63 22.54
C HIS B 181 3.49 19.98 21.13
N HIS B 182 4.38 20.53 20.30
CA HIS B 182 3.99 20.95 18.96
C HIS B 182 3.49 19.78 18.14
N ILE B 183 4.15 18.62 18.24
CA ILE B 183 3.71 17.45 17.50
C ILE B 183 2.36 16.96 18.02
N VAL B 184 2.21 16.89 19.34
CA VAL B 184 0.98 16.37 19.91
C VAL B 184 -0.20 17.24 19.50
N THR B 185 -0.08 18.56 19.70
CA THR B 185 -1.20 19.44 19.37
C THR B 185 -1.53 19.32 17.90
N LEU B 186 -0.57 19.04 17.04
CA LEU B 186 -0.81 18.94 15.57
C LEU B 186 -1.34 17.55 15.26
N LEU B 187 -1.12 16.54 16.09
CA LEU B 187 -1.80 15.26 15.93
C LEU B 187 -3.25 15.30 16.40
N LEU B 188 -3.50 15.93 17.56
CA LEU B 188 -4.86 16.00 18.05
C LEU B 188 -5.71 16.94 17.20
N ILE B 189 -5.12 18.02 16.70
CA ILE B 189 -5.85 18.90 15.79
C ILE B 189 -6.24 18.13 14.53
N TRP B 190 -5.31 17.46 13.89
CA TRP B 190 -5.56 16.69 12.66
C TRP B 190 -6.47 15.53 12.97
N SER B 191 -6.11 14.70 13.91
CA SER B 191 -6.88 13.49 14.14
C SER B 191 -8.35 13.79 14.44
N SER B 192 -8.60 14.78 15.30
CA SER B 192 -9.97 15.14 15.60
C SER B 192 -10.69 15.68 14.37
N TYR B 193 -10.09 16.49 13.55
CA TYR B 193 -10.79 16.93 12.34
C TYR B 193 -11.03 15.72 11.47
N VAL B 194 -9.99 15.17 10.88
CA VAL B 194 -10.12 14.06 9.93
C VAL B 194 -11.09 12.98 10.40
N PHE B 195 -11.24 12.69 11.67
CA PHE B 195 -12.16 11.69 12.18
C PHE B 195 -13.44 12.29 12.73
N HIS B 196 -13.78 13.49 12.31
CA HIS B 196 -15.09 14.09 12.62
C HIS B 196 -15.29 14.31 14.10
N PHE B 197 -14.23 14.44 14.87
CA PHE B 197 -14.31 14.71 16.30
C PHE B 197 -13.95 16.17 16.59
N THR B 198 -14.34 17.07 15.70
CA THR B 198 -14.03 18.49 15.90
C THR B 198 -14.74 19.04 17.13
N LYS B 199 -16.00 18.64 17.33
CA LYS B 199 -16.75 19.15 18.49
C LYS B 199 -16.12 18.71 19.79
N MET B 200 -15.64 17.46 19.87
CA MET B 200 -14.99 17.01 21.09
C MET B 200 -13.60 17.58 21.24
N GLY B 201 -12.93 17.88 20.13
CA GLY B 201 -11.58 18.43 20.20
C GLY B 201 -11.59 19.91 20.50
N LEU B 202 -12.66 20.62 20.17
CA LEU B 202 -12.72 22.05 20.46
C LEU B 202 -12.56 22.33 21.94
N PRO B 203 -13.39 21.78 22.84
CA PRO B 203 -13.16 22.04 24.27
C PRO B 203 -11.81 21.62 24.79
N ILE B 204 -11.30 20.47 24.34
CA ILE B 204 -9.97 20.03 24.78
C ILE B 204 -8.93 21.05 24.38
N TYR B 205 -9.03 21.54 23.14
CA TYR B 205 -8.10 22.56 22.67
C TYR B 205 -8.29 23.87 23.43
N ILE B 206 -9.54 24.24 23.72
CA ILE B 206 -9.80 25.51 24.40
C ILE B 206 -9.16 25.49 25.79
N THR B 207 -9.26 24.35 26.49
CA THR B 207 -8.62 24.25 27.79
C THR B 207 -7.11 24.43 27.67
N MET B 208 -6.50 23.83 26.64
CA MET B 208 -5.07 23.99 26.42
C MET B 208 -4.71 25.45 26.16
N ASP B 209 -5.49 26.12 25.33
CA ASP B 209 -5.15 27.49 24.95
C ASP B 209 -5.35 28.47 26.10
N VAL B 210 -6.51 28.38 26.79
CA VAL B 210 -6.79 29.33 27.84
C VAL B 210 -5.80 29.18 28.99
N SER B 211 -5.44 27.94 29.31
CA SER B 211 -4.43 27.71 30.34
C SER B 211 -3.05 28.17 29.84
N ASP B 212 -2.72 27.85 28.59
CA ASP B 212 -1.44 28.28 28.04
C ASP B 212 -1.31 29.79 28.05
N PHE B 213 -2.42 30.50 27.81
CA PHE B 213 -2.38 31.95 27.76
C PHE B 213 -1.97 32.54 29.10
N LEU B 214 -2.55 32.05 30.19
CA LEU B 214 -2.21 32.57 31.51
C LEU B 214 -0.85 32.04 31.97
N LEU B 215 -0.46 30.85 31.53
CA LEU B 215 0.90 30.40 31.78
C LEU B 215 1.91 31.35 31.17
N SER B 216 1.67 31.74 29.91
CA SER B 216 2.59 32.65 29.24
C SER B 216 2.54 34.04 29.86
N PHE B 217 1.34 34.55 30.11
CA PHE B 217 1.22 35.86 30.75
C PHE B 217 1.91 35.87 32.11
N SER B 218 1.73 34.80 32.89
CA SER B 218 2.44 34.68 34.15
C SER B 218 3.94 34.62 33.94
N LYS B 219 4.39 33.80 32.98
CA LYS B 219 5.82 33.64 32.75
C LYS B 219 6.47 34.95 32.33
N THR B 220 5.84 35.69 31.42
CA THR B 220 6.41 36.96 31.00
C THR B 220 6.57 37.90 32.18
N LEU B 221 5.55 37.99 33.03
CA LEU B 221 5.65 38.80 34.24
C LEU B 221 6.72 38.26 35.18
N ASN B 222 7.09 36.99 35.06
CA ASN B 222 8.23 36.49 35.81
C ASN B 222 9.54 37.03 35.26
N TYR B 223 9.72 36.98 33.94
CA TYR B 223 10.87 37.61 33.32
C TYR B 223 10.84 39.12 33.52
N LEU B 224 9.71 39.74 33.17
CA LEU B 224 9.49 41.16 33.41
C LEU B 224 9.22 41.33 34.90
N ASP B 225 10.28 41.60 35.67
CA ASP B 225 10.16 41.65 37.12
C ASP B 225 9.00 42.52 37.53
N SER B 226 8.00 41.91 38.17
CA SER B 226 6.82 42.62 38.64
C SER B 226 6.18 41.82 39.76
N GLY B 227 5.55 42.53 40.68
CA GLY B 227 4.76 41.85 41.69
C GLY B 227 3.53 41.17 41.13
N LEU B 228 3.03 41.65 40.00
CA LEU B 228 1.87 41.06 39.35
C LEU B 228 2.10 39.62 38.94
N ALA B 229 3.35 39.17 38.84
CA ALA B 229 3.63 37.83 38.34
C ALA B 229 2.95 36.77 39.19
N PHE B 230 3.06 36.89 40.52
CA PHE B 230 2.45 35.88 41.39
C PHE B 230 0.93 35.92 41.33
N PHE B 231 0.34 37.12 41.32
CA PHE B 231 -1.11 37.21 41.21
C PHE B 231 -1.60 36.63 39.89
N SER B 232 -0.93 36.98 38.79
CA SER B 232 -1.29 36.40 37.50
C SER B 232 -1.08 34.89 37.49
N PHE B 233 0.02 34.43 38.10
CA PHE B 233 0.27 33.00 38.19
C PHE B 233 -0.76 32.30 39.06
N ALA B 234 -1.26 33.00 40.10
CA ALA B 234 -2.31 32.42 40.92
C ALA B 234 -3.56 32.16 40.08
N ILE B 235 -3.92 33.11 39.21
CA ILE B 235 -5.06 32.90 38.32
C ILE B 235 -4.77 31.77 37.34
N PHE B 236 -3.49 31.47 37.12
CA PHE B 236 -3.14 30.38 36.21
C PHE B 236 -3.39 29.03 36.84
N VAL B 237 -3.08 28.88 38.13
CA VAL B 237 -3.27 27.59 38.80
C VAL B 237 -4.76 27.25 38.86
N VAL B 238 -5.59 28.23 39.22
CA VAL B 238 -7.03 27.98 39.27
C VAL B 238 -7.57 27.73 37.87
N ALA B 239 -7.16 28.53 36.89
CA ALA B 239 -7.58 28.30 35.52
C ALA B 239 -7.03 26.98 35.00
N TRP B 240 -5.77 26.67 35.30
CA TRP B 240 -5.19 25.40 34.90
C TRP B 240 -5.92 24.25 35.55
N ILE B 241 -6.20 24.35 36.85
CA ILE B 241 -6.90 23.29 37.57
C ILE B 241 -8.25 23.04 36.90
N TYR B 242 -9.02 24.09 36.67
CA TYR B 242 -10.35 23.93 36.09
C TYR B 242 -10.28 23.41 34.67
N LEU B 243 -9.38 23.95 33.86
CA LEU B 243 -9.36 23.64 32.43
C LEU B 243 -8.65 22.33 32.14
N ARG B 244 -7.41 22.18 32.58
CA ARG B 244 -6.64 21.00 32.24
C ARG B 244 -7.11 19.76 32.98
N HIS B 245 -7.79 19.92 34.12
CA HIS B 245 -8.16 18.78 34.95
C HIS B 245 -9.67 18.62 35.07
N TYR B 246 -10.40 19.63 35.54
CA TYR B 246 -11.83 19.46 35.73
C TYR B 246 -12.53 19.24 34.40
N ILE B 247 -12.23 20.07 33.41
CA ILE B 247 -12.87 19.92 32.11
C ILE B 247 -12.39 18.66 31.42
N ASN B 248 -11.08 18.44 31.38
CA ASN B 248 -10.56 17.28 30.67
C ASN B 248 -11.01 15.99 31.33
N LEU B 249 -11.07 15.96 32.67
CA LEU B 249 -11.58 14.79 33.35
C LEU B 249 -13.06 14.58 33.03
N LYS B 250 -13.84 15.66 32.97
CA LYS B 250 -15.23 15.54 32.57
C LYS B 250 -15.34 14.99 31.16
N ILE B 251 -14.48 15.45 30.24
CA ILE B 251 -14.45 14.90 28.90
C ILE B 251 -14.06 13.43 28.93
N LEU B 252 -13.09 13.09 29.79
CA LEU B 252 -12.70 11.69 29.92
C LEU B 252 -13.87 10.83 30.42
N TRP B 253 -14.61 11.33 31.41
CA TRP B 253 -15.77 10.61 31.89
C TRP B 253 -16.85 10.47 30.83
N SER B 254 -17.08 11.52 30.04
CA SER B 254 -18.02 11.42 28.94
C SER B 254 -17.56 10.41 27.90
N VAL B 255 -16.24 10.32 27.69
CA VAL B 255 -15.70 9.32 26.79
C VAL B 255 -16.07 7.94 27.32
N LEU B 256 -16.03 7.78 28.64
CA LEU B 256 -16.37 6.49 29.24
C LEU B 256 -17.86 6.24 29.21
N THR B 257 -18.67 7.30 29.32
CA THR B 257 -20.11 7.17 29.47
C THR B 257 -20.88 7.73 28.26
N GLN B 258 -20.72 9.02 27.96
CA GLN B 258 -21.53 9.66 26.94
C GLN B 258 -21.10 9.29 25.53
N PHE B 259 -19.87 8.82 25.37
CA PHE B 259 -19.40 8.34 24.08
C PHE B 259 -20.17 7.09 23.67
N ARG B 260 -20.70 6.35 24.64
CA ARG B 260 -21.46 5.13 24.40
C ARG B 260 -22.97 5.33 24.46
N THR B 261 -23.44 6.49 24.91
CA THR B 261 -24.85 6.72 25.14
C THR B 261 -25.51 7.69 24.17
N GLU B 262 -24.83 8.77 23.81
CA GLU B 262 -25.39 9.77 22.92
C GLU B 262 -24.79 9.60 21.53
N GLY B 263 -25.65 9.65 20.52
CA GLY B 263 -25.22 9.41 19.16
C GLY B 263 -25.18 7.92 18.84
N ASN B 264 -24.80 7.63 17.60
CA ASN B 264 -24.76 6.24 17.14
C ASN B 264 -23.50 5.56 17.65
N TYR B 265 -23.67 4.43 18.33
CA TYR B 265 -22.56 3.64 18.84
C TYR B 265 -22.32 2.38 18.01
N VAL B 266 -22.94 2.28 16.84
CA VAL B 266 -22.75 1.14 15.95
C VAL B 266 -21.76 1.54 14.87
N LEU B 267 -20.63 0.84 14.81
CA LEU B 267 -19.63 1.11 13.79
C LEU B 267 -20.25 0.97 12.41
N ASN B 268 -19.97 1.93 11.53
CA ASN B 268 -20.50 1.92 10.17
C ASN B 268 -19.52 2.66 9.28
N PHE B 269 -18.63 1.93 8.62
CA PHE B 269 -17.66 2.55 7.73
C PHE B 269 -18.33 3.20 6.53
N ALA B 270 -19.50 2.71 6.13
CA ALA B 270 -20.23 3.34 5.02
C ALA B 270 -20.53 4.79 5.33
N THR B 271 -20.97 5.07 6.55
CA THR B 271 -21.28 6.43 6.99
C THR B 271 -20.19 7.00 7.89
N GLN B 272 -19.03 6.43 7.86
CA GLN B 272 -17.98 6.99 8.68
C GLN B 272 -18.53 7.15 10.08
N GLN B 273 -19.10 6.12 10.68
CA GLN B 273 -19.55 6.15 12.07
C GLN B 273 -18.49 5.44 12.90
N TYR B 274 -17.44 6.19 13.25
CA TYR B 274 -16.32 5.64 14.00
C TYR B 274 -16.53 5.66 15.50
N LYS B 275 -17.59 6.29 15.99
CA LYS B 275 -17.91 6.28 17.41
C LYS B 275 -18.48 4.91 17.76
N CYS B 276 -17.63 4.05 18.31
CA CYS B 276 -17.98 2.65 18.54
C CYS B 276 -17.08 2.11 19.63
N TRP B 277 -17.22 0.81 19.92
CA TRP B 277 -16.41 0.18 20.96
C TRP B 277 -14.94 0.11 20.60
N ILE B 278 -14.59 0.24 19.32
CA ILE B 278 -13.19 0.21 18.93
C ILE B 278 -12.52 1.56 19.14
N SER B 279 -13.15 2.65 18.70
CA SER B 279 -12.59 3.97 18.87
C SER B 279 -12.67 4.44 20.32
N LEU B 280 -13.48 3.79 21.16
CA LEU B 280 -13.55 4.18 22.56
C LEU B 280 -12.21 4.10 23.26
N PRO B 281 -11.50 2.96 23.27
CA PRO B 281 -10.17 2.97 23.88
C PRO B 281 -9.21 3.94 23.21
N ILE B 282 -9.29 4.10 21.88
CA ILE B 282 -8.41 5.03 21.20
C ILE B 282 -8.66 6.45 21.69
N VAL B 283 -9.93 6.84 21.75
CA VAL B 283 -10.27 8.19 22.18
C VAL B 283 -9.97 8.37 23.66
N PHE B 284 -10.21 7.34 24.47
CA PHE B 284 -9.94 7.46 25.90
C PHE B 284 -8.45 7.58 26.17
N VAL B 285 -7.64 6.67 25.60
CA VAL B 285 -6.23 6.69 25.89
C VAL B 285 -5.58 7.95 25.35
N LEU B 286 -6.06 8.45 24.21
CA LEU B 286 -5.51 9.67 23.65
C LEU B 286 -5.80 10.86 24.56
N ILE B 287 -7.04 10.98 25.03
CA ILE B 287 -7.35 12.00 26.02
C ILE B 287 -6.74 11.64 27.36
N GLY B 288 -6.73 10.35 27.71
CA GLY B 288 -6.09 9.94 28.95
C GLY B 288 -4.60 10.22 28.95
N ALA B 289 -3.93 9.97 27.82
CA ALA B 289 -2.54 10.35 27.69
C ALA B 289 -2.37 11.86 27.83
N LEU B 290 -3.30 12.61 27.24
CA LEU B 290 -3.30 14.06 27.41
C LEU B 290 -3.45 14.44 28.88
N GLN B 291 -4.38 13.79 29.58
CA GLN B 291 -4.59 14.11 31.00
C GLN B 291 -3.36 13.76 31.84
N LEU B 292 -2.74 12.61 31.57
CA LEU B 292 -1.56 12.24 32.34
C LEU B 292 -0.46 13.28 32.18
N VAL B 293 -0.30 13.83 30.98
CA VAL B 293 0.64 14.93 30.79
C VAL B 293 0.23 16.11 31.65
N ASN B 294 -1.06 16.45 31.65
CA ASN B 294 -1.54 17.54 32.49
C ASN B 294 -1.33 17.21 33.96
N LEU B 295 -1.47 15.94 34.34
CA LEU B 295 -1.19 15.55 35.72
C LEU B 295 0.28 15.76 36.05
N TYR B 296 1.19 15.34 35.15
CA TYR B 296 2.60 15.64 35.36
C TYR B 296 2.83 17.15 35.42
N TRP B 297 2.23 17.90 34.49
CA TRP B 297 2.44 19.34 34.45
C TRP B 297 1.83 20.02 35.68
N LEU B 298 0.74 19.49 36.23
CA LEU B 298 0.21 20.03 37.48
C LEU B 298 1.21 19.86 38.60
N PHE B 299 1.91 18.73 38.64
CA PHE B 299 2.91 18.51 39.68
C PHE B 299 4.03 19.53 39.59
N LEU B 300 4.46 19.85 38.37
CA LEU B 300 5.49 20.87 38.20
C LEU B 300 5.01 22.23 38.69
N ILE B 301 3.77 22.61 38.38
CA ILE B 301 3.24 23.85 38.91
C ILE B 301 3.22 23.82 40.43
N PHE B 302 2.77 22.71 41.01
CA PHE B 302 2.82 22.57 42.46
C PHE B 302 4.25 22.62 42.98
N ARG B 303 5.21 22.08 42.21
CA ARG B 303 6.61 22.23 42.60
C ARG B 303 6.99 23.70 42.62
N VAL B 304 6.53 24.48 41.64
CA VAL B 304 6.79 25.91 41.64
C VAL B 304 6.15 26.55 42.87
N LEU B 305 4.98 26.07 43.27
CA LEU B 305 4.30 26.62 44.44
C LEU B 305 5.14 26.45 45.69
N PRO C 1 21.32 18.33 6.92
CA PRO C 1 20.80 19.67 6.65
C PRO C 1 19.46 19.95 7.34
N LYS C 2 19.32 21.14 7.92
CA LYS C 2 18.08 21.48 8.62
C LYS C 2 16.89 21.47 7.67
N ILE C 3 17.06 22.03 6.47
CA ILE C 3 15.97 22.07 5.51
C ILE C 3 15.55 20.68 5.10
N PHE C 4 16.50 19.74 5.06
CA PHE C 4 16.14 18.34 4.81
C PHE C 4 15.26 17.79 5.92
N ASN C 5 15.58 18.13 7.17
CA ASN C 5 14.76 17.66 8.29
C ASN C 5 13.35 18.22 8.21
N LEU C 6 13.19 19.39 7.59
CA LEU C 6 11.86 19.95 7.42
C LEU C 6 11.04 19.12 6.43
N PHE C 7 11.64 18.77 5.29
CA PHE C 7 10.92 18.04 4.27
C PHE C 7 10.59 16.62 4.71
N ARG C 8 11.49 15.97 5.44
CA ARG C 8 11.20 14.62 5.93
C ARG C 8 10.04 14.64 6.92
N VAL C 9 9.89 15.69 7.70
CA VAL C 9 8.68 15.75 8.58
C VAL C 9 7.47 16.09 7.73
N CYS C 10 7.59 17.06 6.84
CA CYS C 10 6.47 17.42 5.95
C CYS C 10 6.16 16.27 5.01
N PHE C 11 7.07 15.32 4.80
CA PHE C 11 6.74 14.11 4.05
C PHE C 11 6.13 13.05 4.95
N ILE C 12 6.71 12.85 6.13
CA ILE C 12 6.16 11.88 7.08
C ILE C 12 4.75 12.27 7.48
N SER C 13 4.55 13.57 7.71
CA SER C 13 3.21 14.06 8.15
C SER C 13 2.19 13.85 7.04
N LEU C 14 2.50 14.31 5.82
CA LEU C 14 1.53 14.19 4.71
C LEU C 14 1.26 12.71 4.47
N LEU C 15 2.30 11.88 4.54
CA LEU C 15 2.09 10.41 4.43
C LEU C 15 1.02 10.01 5.44
N LEU C 16 1.24 10.33 6.72
CA LEU C 16 0.27 10.00 7.75
C LEU C 16 -1.13 10.53 7.41
N ILE C 17 -1.19 11.77 6.94
CA ILE C 17 -2.47 12.44 6.67
C ILE C 17 -3.18 11.71 5.56
N ALA C 18 -2.44 11.20 4.58
CA ALA C 18 -3.04 10.46 3.46
C ALA C 18 -3.29 9.03 3.87
N ALA C 19 -2.38 8.38 4.57
CA ALA C 19 -2.70 7.03 5.04
C ALA C 19 -4.06 6.99 5.70
N VAL C 20 -4.37 7.98 6.54
CA VAL C 20 -5.66 8.01 7.21
C VAL C 20 -6.77 8.32 6.22
N GLU C 21 -6.56 9.21 5.27
CA GLU C 21 -7.62 9.53 4.28
C GLU C 21 -7.83 8.32 3.39
N TYR C 22 -6.82 7.50 3.10
CA TYR C 22 -7.05 6.24 2.42
C TYR C 22 -7.78 5.26 3.31
N PHE C 23 -7.45 5.24 4.61
CA PHE C 23 -8.17 4.37 5.53
C PHE C 23 -9.65 4.74 5.57
N LYS C 24 -9.96 6.01 5.72
CA LYS C 24 -11.35 6.49 5.80
C LYS C 24 -12.05 6.38 4.46
N TYR C 25 -11.35 6.44 3.34
CA TYR C 25 -11.96 6.19 2.03
C TYR C 25 -12.05 4.70 1.75
N GLY C 26 -10.96 3.97 1.97
CA GLY C 26 -10.95 2.55 1.63
C GLY C 26 -11.96 1.76 2.42
N THR C 27 -12.07 2.05 3.71
CA THR C 27 -13.05 1.35 4.54
C THR C 27 -14.46 1.74 4.12
N ARG C 28 -14.67 2.95 3.61
CA ARG C 28 -16.03 3.44 3.29
C ARG C 28 -16.52 2.88 1.97
N ILE C 29 -15.62 2.67 1.01
CA ILE C 29 -16.04 2.01 -0.21
C ILE C 29 -16.04 0.50 -0.07
N ASN C 30 -15.22 -0.04 0.83
CA ASN C 30 -15.15 -1.46 1.10
C ASN C 30 -15.77 -1.78 2.46
N TYR C 31 -16.80 -1.03 2.85
CA TYR C 31 -17.39 -1.21 4.17
C TYR C 31 -18.02 -2.59 4.31
N GLU C 32 -18.55 -3.14 3.23
CA GLU C 32 -19.18 -4.45 3.30
C GLU C 32 -18.19 -5.54 3.67
N TRP C 33 -16.90 -5.32 3.43
CA TRP C 33 -15.91 -6.30 3.86
C TRP C 33 -15.79 -6.36 5.37
N PHE C 34 -15.99 -5.23 6.04
CA PHE C 34 -15.90 -5.18 7.49
C PHE C 34 -17.21 -5.58 8.16
N HIS C 35 -18.34 -5.23 7.53
CA HIS C 35 -19.63 -5.30 8.20
C HIS C 35 -20.49 -6.46 7.75
N CYS C 36 -20.23 -7.01 6.56
CA CYS C 36 -21.02 -8.10 6.02
C CYS C 36 -20.17 -9.35 5.94
N THR C 37 -20.65 -10.43 6.54
CA THR C 37 -19.96 -11.71 6.48
C THR C 37 -20.61 -12.58 5.42
N PRO C 38 -19.91 -12.95 4.35
CA PRO C 38 -20.54 -13.78 3.31
C PRO C 38 -20.82 -15.19 3.83
N ILE C 39 -22.10 -15.54 3.88
CA ILE C 39 -22.54 -16.87 4.31
C ILE C 39 -22.87 -17.67 3.05
N LYS C 40 -22.07 -18.69 2.77
CA LYS C 40 -22.26 -19.54 1.60
C LYS C 40 -22.93 -20.84 2.04
N GLU C 41 -23.96 -21.24 1.31
CA GLU C 41 -24.75 -22.43 1.64
C GLU C 41 -24.76 -23.36 0.43
N PRO C 42 -23.80 -24.29 0.32
CA PRO C 42 -23.72 -25.10 -0.89
C PRO C 42 -25.01 -25.86 -1.15
N GLN C 43 -25.39 -25.92 -2.42
CA GLN C 43 -26.59 -26.60 -2.86
C GLN C 43 -26.33 -27.79 -3.77
N SER C 44 -25.30 -27.72 -4.61
CA SER C 44 -24.98 -28.82 -5.52
C SER C 44 -23.51 -28.66 -5.94
N GLY C 45 -23.11 -29.36 -7.01
CA GLY C 45 -21.70 -29.48 -7.32
C GLY C 45 -21.02 -28.12 -7.46
N SER C 46 -21.64 -27.19 -8.17
CA SER C 46 -21.14 -25.84 -8.29
C SER C 46 -22.09 -24.78 -7.75
N VAL C 47 -23.35 -25.12 -7.55
CA VAL C 47 -24.34 -24.15 -7.10
C VAL C 47 -24.20 -23.98 -5.59
N ILE C 48 -24.25 -22.72 -5.14
CA ILE C 48 -24.27 -22.39 -3.72
C ILE C 48 -25.31 -21.32 -3.51
N LYS C 49 -26.04 -21.41 -2.40
CA LYS C 49 -26.83 -20.27 -1.95
C LYS C 49 -25.92 -19.30 -1.21
N LEU C 50 -25.98 -18.04 -1.60
CA LEU C 50 -24.99 -17.05 -1.17
C LEU C 50 -25.71 -15.83 -0.63
N TRP C 51 -25.45 -15.49 0.62
CA TRP C 51 -25.97 -14.27 1.22
C TRP C 51 -24.93 -13.74 2.20
N ALA C 52 -25.25 -12.63 2.85
CA ALA C 52 -24.32 -11.98 3.76
C ALA C 52 -25.03 -11.71 5.08
N ARG C 53 -24.23 -11.67 6.14
CA ARG C 53 -24.72 -11.53 7.50
C ARG C 53 -23.91 -10.45 8.21
N GLY C 54 -24.55 -9.74 9.12
CA GLY C 54 -23.86 -8.69 9.83
C GLY C 54 -24.79 -7.91 10.72
N GLY C 55 -24.32 -6.74 11.14
CA GLY C 55 -25.10 -5.84 11.96
C GLY C 55 -25.86 -4.84 11.12
N PRO C 56 -26.37 -3.79 11.75
CA PRO C 56 -27.11 -2.77 11.00
C PRO C 56 -26.27 -2.11 9.92
N SER C 57 -24.94 -2.10 10.09
CA SER C 57 -24.06 -1.54 9.08
C SER C 57 -23.99 -2.41 7.83
N CYS C 58 -24.41 -3.67 7.91
CA CYS C 58 -24.53 -4.53 6.74
C CYS C 58 -25.82 -4.15 6.01
N ASP C 59 -25.74 -3.04 5.29
CA ASP C 59 -26.86 -2.52 4.51
C ASP C 59 -27.32 -3.55 3.50
N LYS C 60 -28.46 -3.31 2.85
CA LYS C 60 -28.81 -4.11 1.69
C LYS C 60 -27.79 -3.92 0.58
N ARG C 61 -27.23 -2.72 0.49
CA ARG C 61 -26.11 -2.50 -0.44
C ARG C 61 -24.93 -3.38 -0.06
N GLY C 62 -24.63 -3.48 1.24
CA GLY C 62 -23.52 -4.31 1.67
C GLY C 62 -23.70 -5.76 1.30
N GLU C 63 -24.91 -6.30 1.49
CA GLU C 63 -25.17 -7.68 1.07
C GLU C 63 -25.00 -7.82 -0.43
N TYR C 64 -25.58 -6.91 -1.20
CA TYR C 64 -25.47 -6.98 -2.65
C TYR C 64 -24.00 -6.91 -3.08
N LYS C 65 -23.25 -5.97 -2.50
CA LYS C 65 -21.82 -5.90 -2.81
C LYS C 65 -21.11 -7.17 -2.36
N THR C 66 -21.42 -7.65 -1.16
CA THR C 66 -20.79 -8.88 -0.67
C THR C 66 -21.15 -10.06 -1.56
N ILE C 67 -22.42 -10.17 -1.94
CA ILE C 67 -22.86 -11.28 -2.78
C ILE C 67 -22.23 -11.18 -4.16
N VAL C 68 -22.22 -9.97 -4.73
CA VAL C 68 -21.59 -9.79 -6.03
C VAL C 68 -20.10 -10.09 -5.95
N LYS C 69 -19.45 -9.64 -4.88
CA LYS C 69 -18.01 -9.87 -4.72
C LYS C 69 -17.69 -11.36 -4.77
N ARG C 70 -18.51 -12.18 -4.13
CA ARG C 70 -18.29 -13.62 -4.14
C ARG C 70 -18.68 -14.28 -5.45
N ILE C 71 -19.78 -13.84 -6.06
CA ILE C 71 -20.14 -14.37 -7.38
C ILE C 71 -19.02 -14.12 -8.37
N THR C 72 -18.40 -12.95 -8.27
CA THR C 72 -17.39 -12.52 -9.22
C THR C 72 -15.98 -12.90 -8.81
N ARG C 73 -15.80 -13.54 -7.66
CA ARG C 73 -14.49 -14.01 -7.22
C ARG C 73 -14.46 -15.50 -6.93
N ASP C 74 -15.50 -16.05 -6.32
CA ASP C 74 -15.55 -17.47 -6.06
C ASP C 74 -15.84 -18.28 -7.31
N TYR C 75 -16.27 -17.63 -8.38
CA TYR C 75 -16.52 -18.29 -9.67
C TYR C 75 -15.71 -17.59 -10.74
N GLU C 76 -15.05 -18.37 -11.59
CA GLU C 76 -14.21 -17.84 -12.65
C GLU C 76 -14.90 -18.06 -13.99
N PRO C 77 -15.46 -17.02 -14.62
CA PRO C 77 -16.15 -17.24 -15.90
C PRO C 77 -15.24 -17.67 -17.02
N ASN C 78 -13.94 -17.36 -16.94
CA ASN C 78 -13.03 -17.78 -18.00
C ASN C 78 -12.71 -19.26 -17.93
N ASP C 79 -12.73 -19.85 -16.74
CA ASP C 79 -12.62 -21.30 -16.62
C ASP C 79 -13.90 -21.98 -17.11
N GLU C 80 -15.06 -21.43 -16.77
CA GLU C 80 -16.33 -21.96 -17.23
C GLU C 80 -17.41 -20.93 -16.94
N HIS C 81 -18.33 -20.76 -17.88
CA HIS C 81 -19.26 -19.64 -17.81
C HIS C 81 -20.25 -19.85 -16.67
N LEU C 82 -20.67 -18.73 -16.08
CA LEU C 82 -21.28 -18.68 -14.76
C LEU C 82 -22.70 -18.15 -14.84
N SER C 83 -23.60 -18.76 -14.08
CA SER C 83 -24.99 -18.35 -14.00
C SER C 83 -25.36 -18.06 -12.54
N PHE C 84 -26.11 -16.99 -12.32
CA PHE C 84 -26.49 -16.60 -10.97
C PHE C 84 -27.74 -15.74 -11.00
N CYS C 85 -28.35 -15.58 -9.84
CA CYS C 85 -29.43 -14.63 -9.64
C CYS C 85 -29.31 -14.05 -8.24
N ILE C 86 -29.79 -12.83 -8.09
CA ILE C 86 -29.87 -12.16 -6.80
C ILE C 86 -31.34 -11.91 -6.51
N ILE C 87 -31.81 -12.40 -5.36
CA ILE C 87 -33.20 -12.28 -4.97
C ILE C 87 -33.23 -11.33 -3.78
N GLU C 88 -34.04 -10.27 -3.90
CA GLU C 88 -34.19 -9.31 -2.84
C GLU C 88 -35.25 -9.79 -1.85
N ASN C 89 -34.96 -9.64 -0.56
CA ASN C 89 -35.96 -9.83 0.47
C ASN C 89 -36.68 -8.51 0.68
N ASP C 90 -37.75 -8.31 -0.11
CA ASP C 90 -38.51 -7.07 -0.04
C ASP C 90 -39.31 -6.95 1.26
N ASN C 91 -39.26 -7.94 2.15
CA ASN C 91 -39.96 -7.88 3.41
C ASN C 91 -39.15 -7.21 4.50
N VAL C 92 -37.94 -6.74 4.20
CA VAL C 92 -37.13 -6.03 5.18
C VAL C 92 -36.65 -4.72 4.56
N PRO C 93 -36.35 -3.70 5.36
CA PRO C 93 -35.78 -2.48 4.81
C PRO C 93 -34.32 -2.68 4.44
N PRO C 94 -33.71 -1.73 3.75
CA PRO C 94 -32.28 -1.85 3.44
C PRO C 94 -31.39 -1.91 4.67
N VAL C 95 -31.82 -1.32 5.78
CA VAL C 95 -31.13 -1.48 7.06
C VAL C 95 -32.04 -2.31 7.96
N HIS C 96 -31.73 -3.61 8.08
CA HIS C 96 -32.61 -4.57 8.74
C HIS C 96 -31.91 -5.41 9.79
N TYR C 97 -30.62 -5.66 9.61
CA TYR C 97 -29.93 -6.59 10.48
C TYR C 97 -29.80 -6.02 11.89
N PRO C 98 -30.19 -6.75 12.93
CA PRO C 98 -29.91 -6.31 14.30
C PRO C 98 -28.45 -6.50 14.65
N ILE C 99 -28.08 -5.91 15.79
CA ILE C 99 -26.71 -6.03 16.27
C ILE C 99 -26.43 -7.46 16.73
N HIS C 100 -27.42 -8.11 17.34
CA HIS C 100 -27.23 -9.42 17.93
C HIS C 100 -27.30 -10.51 16.85
N GLU C 101 -27.23 -11.77 17.28
CA GLU C 101 -27.07 -12.89 16.37
C GLU C 101 -28.40 -13.40 15.80
N ASP C 102 -29.53 -12.99 16.34
CA ASP C 102 -30.83 -13.40 15.82
C ASP C 102 -31.19 -12.50 14.63
N LYS C 103 -30.42 -12.66 13.56
CA LYS C 103 -30.47 -11.71 12.46
C LYS C 103 -31.83 -11.68 11.79
N GLY C 104 -32.39 -12.85 11.50
CA GLY C 104 -33.54 -12.93 10.64
C GLY C 104 -33.11 -13.09 9.19
N GLU C 105 -34.11 -13.08 8.30
CA GLU C 105 -33.84 -13.33 6.91
C GLU C 105 -32.88 -12.28 6.36
N PRO C 106 -32.00 -12.64 5.43
CA PRO C 106 -31.13 -11.63 4.81
C PRO C 106 -31.91 -10.72 3.87
N GLY C 107 -31.30 -9.57 3.58
CA GLY C 107 -31.89 -8.68 2.59
C GLY C 107 -31.68 -9.13 1.16
N TYR C 108 -30.66 -9.95 0.92
CA TYR C 108 -30.35 -10.46 -0.41
C TYR C 108 -29.83 -11.88 -0.29
N VAL C 109 -30.31 -12.75 -1.18
CA VAL C 109 -29.74 -14.07 -1.37
C VAL C 109 -29.48 -14.26 -2.85
N ALA C 110 -28.38 -14.93 -3.17
CA ALA C 110 -28.05 -15.25 -4.53
C ALA C 110 -27.73 -16.73 -4.68
N TYR C 111 -28.32 -17.34 -5.69
CA TYR C 111 -27.97 -18.70 -6.10
C TYR C 111 -27.07 -18.59 -7.32
N VAL C 112 -25.83 -19.03 -7.17
CA VAL C 112 -24.84 -18.92 -8.23
C VAL C 112 -24.21 -20.29 -8.44
N GLY C 113 -24.07 -20.68 -9.70
CA GLY C 113 -23.39 -21.91 -10.04
C GLY C 113 -22.84 -21.84 -11.44
N TYR C 114 -21.87 -22.71 -11.70
CA TYR C 114 -21.31 -22.80 -13.04
C TYR C 114 -22.37 -23.32 -14.00
N ASP C 115 -22.15 -23.07 -15.30
CA ASP C 115 -23.17 -23.36 -16.30
C ASP C 115 -23.50 -24.84 -16.36
N THR C 116 -22.62 -25.72 -15.85
CA THR C 116 -22.96 -27.14 -15.81
C THR C 116 -24.20 -27.38 -14.97
N ASP C 117 -24.44 -26.56 -13.94
CA ASP C 117 -25.63 -26.65 -13.11
C ASP C 117 -26.60 -25.51 -13.38
N SER C 118 -26.52 -24.93 -14.59
CA SER C 118 -27.36 -23.78 -14.91
C SER C 118 -28.84 -24.12 -14.80
N GLU C 119 -29.24 -25.28 -15.32
CA GLU C 119 -30.61 -25.74 -15.14
C GLU C 119 -30.97 -25.80 -13.66
N LEU C 120 -29.99 -26.13 -12.82
CA LEU C 120 -30.24 -26.27 -11.39
C LEU C 120 -30.27 -24.91 -10.71
N VAL C 121 -29.44 -23.96 -11.17
CA VAL C 121 -29.52 -22.59 -10.68
C VAL C 121 -30.87 -21.99 -11.06
N GLN C 122 -31.32 -22.24 -12.29
CA GLN C 122 -32.62 -21.76 -12.71
C GLN C 122 -33.73 -22.23 -11.77
N GLU C 123 -33.65 -23.49 -11.33
CA GLU C 123 -34.71 -24.03 -10.49
C GLU C 123 -34.75 -23.31 -9.13
N LEU C 124 -33.58 -23.10 -8.52
CA LEU C 124 -33.56 -22.42 -7.23
C LEU C 124 -33.91 -20.95 -7.35
N CYS C 125 -33.55 -20.30 -8.45
CA CYS C 125 -33.88 -18.90 -8.63
C CYS C 125 -35.38 -18.67 -8.61
N ALA C 126 -36.18 -19.67 -9.00
CA ALA C 126 -37.63 -19.59 -8.89
C ALA C 126 -38.17 -18.35 -9.60
N ASP C 127 -37.98 -18.31 -10.91
CA ASP C 127 -38.47 -17.25 -11.78
C ASP C 127 -37.88 -15.88 -11.46
N SER C 128 -36.73 -15.85 -10.78
CA SER C 128 -35.97 -14.61 -10.70
C SER C 128 -35.15 -14.43 -11.97
N THR C 129 -34.68 -13.20 -12.18
CA THR C 129 -33.82 -12.94 -13.32
C THR C 129 -32.53 -13.73 -13.19
N ILE C 130 -32.12 -14.36 -14.28
CA ILE C 130 -30.90 -15.16 -14.31
C ILE C 130 -29.82 -14.37 -15.03
N TYR C 131 -28.72 -14.14 -14.33
CA TYR C 131 -27.61 -13.35 -14.84
C TYR C 131 -26.47 -14.27 -15.22
N HIS C 132 -25.82 -13.97 -16.35
CA HIS C 132 -24.79 -14.82 -16.90
C HIS C 132 -23.45 -14.10 -16.91
N MET C 133 -22.39 -14.86 -16.65
CA MET C 133 -21.05 -14.32 -16.60
C MET C 133 -20.07 -15.27 -17.27
N ILE D 3 24.92 -10.09 8.13
CA ILE D 3 23.74 -10.57 8.89
C ILE D 3 22.59 -9.60 8.73
N PHE D 4 22.65 -8.48 9.45
CA PHE D 4 21.61 -7.46 9.32
C PHE D 4 21.48 -7.00 7.89
N ASN D 5 22.61 -6.83 7.19
CA ASN D 5 22.57 -6.46 5.78
C ASN D 5 21.85 -7.52 4.97
N LEU D 6 22.13 -8.80 5.24
CA LEU D 6 21.42 -9.87 4.55
C LEU D 6 19.94 -9.78 4.90
N PHE D 7 19.62 -9.63 6.18
CA PHE D 7 18.22 -9.52 6.59
C PHE D 7 17.52 -8.42 5.79
N ARG D 8 18.18 -7.26 5.66
CA ARG D 8 17.63 -6.20 4.82
C ARG D 8 17.47 -6.58 3.36
N VAL D 9 18.46 -7.28 2.80
CA VAL D 9 18.35 -7.76 1.42
C VAL D 9 17.19 -8.76 1.30
N CYS D 10 17.08 -9.68 2.26
CA CYS D 10 15.99 -10.64 2.22
C CYS D 10 14.65 -9.94 2.41
N PHE D 11 14.57 -9.01 3.35
CA PHE D 11 13.30 -8.32 3.61
C PHE D 11 12.87 -7.51 2.40
N ILE D 12 13.77 -6.73 1.80
CA ILE D 12 13.40 -5.94 0.63
C ILE D 12 13.06 -6.84 -0.53
N SER D 13 13.76 -7.98 -0.67
CA SER D 13 13.42 -8.91 -1.74
C SER D 13 12.07 -9.56 -1.52
N LEU D 14 11.78 -9.96 -0.27
CA LEU D 14 10.48 -10.54 0.04
C LEU D 14 9.36 -9.51 -0.11
N LEU D 15 9.64 -8.24 0.20
CA LEU D 15 8.67 -7.19 -0.08
C LEU D 15 8.42 -7.07 -1.57
N LEU D 16 9.47 -7.16 -2.38
CA LEU D 16 9.29 -7.15 -3.83
C LEU D 16 8.45 -8.34 -4.28
N ILE D 17 8.71 -9.51 -3.71
CA ILE D 17 7.90 -10.68 -4.04
C ILE D 17 6.45 -10.43 -3.66
N ALA D 18 6.22 -9.99 -2.42
CA ALA D 18 4.87 -9.68 -1.98
C ALA D 18 4.28 -8.52 -2.80
N ALA D 19 5.10 -7.53 -3.13
CA ALA D 19 4.62 -6.41 -3.91
C ALA D 19 4.10 -6.88 -5.27
N VAL D 20 4.86 -7.73 -5.96
CA VAL D 20 4.44 -8.22 -7.26
C VAL D 20 3.24 -9.14 -7.12
N GLU D 21 3.20 -9.94 -6.05
CA GLU D 21 2.08 -10.84 -5.84
C GLU D 21 0.78 -10.06 -5.70
N TYR D 22 0.79 -8.99 -4.92
CA TYR D 22 -0.44 -8.21 -4.76
C TYR D 22 -0.84 -7.54 -6.07
N PHE D 23 0.13 -7.08 -6.86
CA PHE D 23 -0.20 -6.50 -8.16
C PHE D 23 -0.90 -7.52 -9.03
N LYS D 24 -0.39 -8.75 -9.07
CA LYS D 24 -1.07 -9.80 -9.81
C LYS D 24 -2.44 -10.10 -9.19
N TYR D 25 -2.49 -10.19 -7.87
CA TYR D 25 -3.76 -10.48 -7.21
C TYR D 25 -4.75 -9.33 -7.38
N GLY D 26 -4.32 -8.11 -7.07
CA GLY D 26 -5.22 -6.98 -7.15
C GLY D 26 -5.72 -6.72 -8.56
N THR D 27 -4.82 -6.80 -9.55
CA THR D 27 -5.24 -6.63 -10.93
C THR D 27 -6.17 -7.74 -11.37
N ARG D 28 -5.89 -8.98 -10.94
CA ARG D 28 -6.77 -10.09 -11.28
C ARG D 28 -8.12 -9.98 -10.59
N ILE D 29 -8.16 -9.28 -9.46
CA ILE D 29 -9.39 -9.18 -8.68
C ILE D 29 -10.17 -7.92 -9.03
N ASN D 30 -9.46 -6.83 -9.29
CA ASN D 30 -10.06 -5.58 -9.75
C ASN D 30 -9.81 -5.36 -11.23
N TYR D 31 -9.83 -6.43 -12.02
CA TYR D 31 -9.50 -6.30 -13.44
C TYR D 31 -10.46 -5.37 -14.16
N GLU D 32 -11.73 -5.37 -13.77
CA GLU D 32 -12.72 -4.54 -14.45
C GLU D 32 -12.37 -3.07 -14.37
N TRP D 33 -11.59 -2.66 -13.36
CA TRP D 33 -11.13 -1.28 -13.31
C TRP D 33 -10.20 -0.95 -14.46
N PHE D 34 -9.31 -1.89 -14.81
CA PHE D 34 -8.34 -1.64 -15.86
C PHE D 34 -8.93 -1.81 -17.25
N HIS D 35 -10.00 -2.59 -17.38
CA HIS D 35 -10.51 -2.99 -18.68
C HIS D 35 -11.89 -2.46 -19.01
N CYS D 36 -12.71 -2.12 -18.01
CA CYS D 36 -14.08 -1.72 -18.22
C CYS D 36 -14.22 -0.25 -17.82
N THR D 37 -14.54 0.59 -18.80
CA THR D 37 -14.74 2.00 -18.54
C THR D 37 -16.22 2.27 -18.29
N PRO D 38 -16.62 2.69 -17.09
CA PRO D 38 -18.04 2.97 -16.86
C PRO D 38 -18.51 4.16 -17.68
N ILE D 39 -19.64 3.99 -18.35
CA ILE D 39 -20.24 5.05 -19.16
C ILE D 39 -21.61 5.39 -18.57
N LYS D 40 -21.86 6.68 -18.38
CA LYS D 40 -23.10 7.16 -17.81
C LYS D 40 -23.92 7.92 -18.84
N GLU D 41 -25.24 7.74 -18.79
CA GLU D 41 -26.18 8.51 -19.60
C GLU D 41 -27.26 9.08 -18.69
N PRO D 42 -27.05 10.25 -18.08
CA PRO D 42 -28.06 10.80 -17.17
C PRO D 42 -29.42 10.89 -17.84
N GLN D 43 -30.41 10.21 -17.25
CA GLN D 43 -31.75 10.14 -17.81
C GLN D 43 -32.61 11.29 -17.33
N SER D 44 -32.84 11.37 -16.02
CA SER D 44 -33.58 12.46 -15.40
C SER D 44 -33.40 12.43 -13.90
N GLY D 45 -33.41 13.61 -13.29
CA GLY D 45 -33.13 13.67 -11.87
C GLY D 45 -31.85 12.97 -11.53
N SER D 46 -31.91 12.04 -10.58
CA SER D 46 -30.76 11.22 -10.22
C SER D 46 -30.63 9.98 -11.08
N VAL D 47 -31.64 9.66 -11.88
CA VAL D 47 -31.59 8.44 -12.68
C VAL D 47 -30.54 8.57 -13.76
N ILE D 48 -29.81 7.49 -14.00
CA ILE D 48 -28.84 7.39 -15.09
C ILE D 48 -28.95 6.01 -15.71
N LYS D 49 -28.56 5.93 -16.98
CA LYS D 49 -28.27 4.64 -17.61
C LYS D 49 -26.79 4.34 -17.45
N LEU D 50 -26.49 3.09 -17.10
CA LEU D 50 -25.15 2.72 -16.67
C LEU D 50 -24.71 1.44 -17.37
N TRP D 51 -23.60 1.50 -18.08
CA TRP D 51 -22.98 0.30 -18.62
C TRP D 51 -21.49 0.54 -18.75
N ALA D 52 -20.75 -0.55 -18.92
CA ALA D 52 -19.30 -0.51 -19.05
C ALA D 52 -18.89 -0.79 -20.48
N ARG D 53 -17.78 -0.18 -20.88
CA ARG D 53 -17.24 -0.30 -22.22
C ARG D 53 -15.80 -0.75 -22.12
N GLY D 54 -15.31 -1.43 -23.15
CA GLY D 54 -13.94 -1.88 -23.15
C GLY D 54 -13.69 -2.88 -24.26
N GLY D 55 -12.57 -3.59 -24.12
CA GLY D 55 -12.16 -4.56 -25.09
C GLY D 55 -12.60 -5.95 -24.71
N PRO D 56 -11.94 -6.97 -25.27
CA PRO D 56 -12.32 -8.35 -24.95
C PRO D 56 -12.29 -8.65 -23.47
N SER D 57 -11.34 -8.09 -22.73
CA SER D 57 -11.24 -8.34 -21.30
C SER D 57 -12.39 -7.72 -20.52
N CYS D 58 -13.14 -6.79 -21.10
CA CYS D 58 -14.33 -6.25 -20.46
C CYS D 58 -15.50 -7.19 -20.74
N ASP D 59 -15.46 -8.34 -20.09
CA ASP D 59 -16.48 -9.36 -20.27
C ASP D 59 -17.74 -8.99 -19.49
N LYS D 60 -18.78 -9.81 -19.65
CA LYS D 60 -20.03 -9.55 -18.96
C LYS D 60 -19.82 -9.42 -17.45
N ARG D 61 -18.98 -10.27 -16.88
CA ARG D 61 -18.69 -10.16 -15.46
C ARG D 61 -18.07 -8.81 -15.13
N GLY D 62 -17.13 -8.36 -15.96
CA GLY D 62 -16.49 -7.08 -15.72
C GLY D 62 -17.47 -5.92 -15.78
N GLU D 63 -18.37 -5.96 -16.76
CA GLU D 63 -19.41 -4.94 -16.83
C GLU D 63 -20.27 -4.96 -15.57
N TYR D 64 -20.69 -6.16 -15.15
CA TYR D 64 -21.52 -6.26 -13.95
C TYR D 64 -20.78 -5.68 -12.75
N LYS D 65 -19.51 -6.06 -12.57
CA LYS D 65 -18.73 -5.51 -11.47
C LYS D 65 -18.60 -4.00 -11.62
N THR D 66 -18.31 -3.53 -12.84
CA THR D 66 -18.20 -2.09 -13.06
C THR D 66 -19.53 -1.40 -12.81
N ILE D 67 -20.63 -2.01 -13.26
CA ILE D 67 -21.95 -1.44 -13.02
C ILE D 67 -22.24 -1.38 -11.52
N VAL D 68 -21.98 -2.48 -10.82
CA VAL D 68 -22.26 -2.54 -9.39
C VAL D 68 -21.42 -1.52 -8.63
N LYS D 69 -20.14 -1.41 -8.99
CA LYS D 69 -19.29 -0.43 -8.33
C LYS D 69 -19.79 1.01 -8.29
N ARG D 70 -20.19 1.54 -9.44
CA ARG D 70 -20.75 2.89 -9.46
C ARG D 70 -22.18 3.02 -8.87
N ILE D 71 -22.94 1.93 -8.97
CA ILE D 71 -24.28 1.90 -8.39
C ILE D 71 -24.02 2.05 -6.90
N THR D 72 -23.09 1.26 -6.37
CA THR D 72 -22.84 1.20 -4.94
C THR D 72 -21.86 2.26 -4.46
N ARG D 73 -21.36 3.10 -5.35
CA ARG D 73 -20.47 4.20 -4.98
C ARG D 73 -20.95 5.59 -5.40
N ASP D 74 -21.64 5.71 -6.52
CA ASP D 74 -22.15 7.00 -6.96
C ASP D 74 -23.49 7.34 -6.30
N TYR D 75 -24.03 6.43 -5.50
CA TYR D 75 -25.28 6.63 -4.79
C TYR D 75 -25.07 6.22 -3.35
N GLU D 76 -25.52 7.06 -2.41
CA GLU D 76 -25.39 6.77 -0.99
C GLU D 76 -26.77 6.43 -0.45
N PRO D 77 -27.08 5.16 -0.17
CA PRO D 77 -28.39 4.84 0.40
C PRO D 77 -28.63 5.50 1.75
N ASN D 78 -27.58 5.71 2.53
CA ASN D 78 -27.72 6.35 3.83
C ASN D 78 -28.04 7.83 3.71
N ASP D 79 -27.82 8.43 2.54
CA ASP D 79 -28.35 9.77 2.27
C ASP D 79 -29.79 9.67 1.77
N GLU D 80 -30.02 8.85 0.76
CA GLU D 80 -31.36 8.57 0.27
C GLU D 80 -31.38 7.19 -0.34
N HIS D 81 -32.45 6.45 -0.08
CA HIS D 81 -32.57 5.10 -0.61
C HIS D 81 -32.70 5.15 -2.13
N LEU D 82 -32.05 4.20 -2.80
CA LEU D 82 -31.97 4.19 -4.24
C LEU D 82 -32.55 2.89 -4.79
N SER D 83 -32.96 2.93 -6.04
CA SER D 83 -33.50 1.79 -6.74
C SER D 83 -32.75 1.61 -8.06
N PHE D 84 -32.54 0.37 -8.46
CA PHE D 84 -31.80 0.10 -9.68
C PHE D 84 -32.20 -1.24 -10.26
N CYS D 85 -31.81 -1.45 -11.52
CA CYS D 85 -31.98 -2.71 -12.19
C CYS D 85 -30.81 -2.91 -13.15
N ILE D 86 -30.31 -4.13 -13.21
CA ILE D 86 -29.25 -4.50 -14.13
C ILE D 86 -29.85 -5.41 -15.18
N ILE D 87 -29.80 -4.98 -16.43
CA ILE D 87 -30.42 -5.70 -17.54
C ILE D 87 -29.32 -6.34 -18.36
N GLU D 88 -29.31 -7.68 -18.38
CA GLU D 88 -28.35 -8.41 -19.19
C GLU D 88 -28.72 -8.34 -20.66
N ASN D 89 -27.71 -8.28 -21.51
CA ASN D 89 -27.89 -8.35 -22.95
C ASN D 89 -27.84 -9.81 -23.39
N ASP D 90 -29.01 -10.43 -23.52
CA ASP D 90 -29.07 -11.82 -23.96
C ASP D 90 -28.43 -12.09 -25.35
N ASN D 91 -28.41 -11.04 -26.17
CA ASN D 91 -27.84 -11.10 -27.51
C ASN D 91 -26.33 -11.05 -27.72
N VAL D 92 -25.55 -10.99 -26.66
CA VAL D 92 -24.09 -11.05 -26.77
C VAL D 92 -23.57 -12.12 -25.83
N PRO D 93 -22.45 -12.76 -26.14
CA PRO D 93 -21.85 -13.69 -25.17
C PRO D 93 -21.16 -12.93 -24.07
N PRO D 94 -20.68 -13.64 -23.03
CA PRO D 94 -19.95 -12.94 -21.96
C PRO D 94 -18.72 -12.18 -22.44
N VAL D 95 -18.06 -12.67 -23.49
CA VAL D 95 -16.95 -11.97 -24.12
C VAL D 95 -17.43 -11.57 -25.51
N HIS D 96 -17.77 -10.29 -25.68
CA HIS D 96 -18.35 -9.79 -26.91
C HIS D 96 -17.60 -8.56 -27.41
N TYR D 97 -17.11 -7.76 -26.48
CA TYR D 97 -16.48 -6.50 -26.85
C TYR D 97 -15.23 -6.76 -27.68
N PRO D 98 -15.08 -6.12 -28.84
CA PRO D 98 -13.86 -6.28 -29.62
C PRO D 98 -12.78 -5.33 -29.13
N ILE D 99 -11.57 -5.50 -29.67
CA ILE D 99 -10.44 -4.66 -29.28
C ILE D 99 -10.69 -3.22 -29.70
N HIS D 100 -11.17 -3.01 -30.93
CA HIS D 100 -11.30 -1.67 -31.47
C HIS D 100 -12.52 -0.96 -30.89
N GLU D 101 -12.66 0.32 -31.22
CA GLU D 101 -13.63 1.18 -30.56
C GLU D 101 -15.04 1.02 -31.12
N ASP D 102 -15.22 0.33 -32.25
CA ASP D 102 -16.56 0.10 -32.80
C ASP D 102 -17.20 -1.07 -32.06
N LYS D 103 -17.51 -0.83 -30.78
CA LYS D 103 -18.14 -1.84 -29.95
C LYS D 103 -19.59 -2.02 -30.35
N GLY D 104 -20.20 -3.08 -29.86
CA GLY D 104 -21.60 -3.35 -30.05
C GLY D 104 -22.44 -2.90 -28.87
N GLU D 105 -23.58 -3.53 -28.71
CA GLU D 105 -24.40 -3.27 -27.54
C GLU D 105 -23.71 -3.82 -26.29
N PRO D 106 -23.76 -3.09 -25.18
CA PRO D 106 -23.13 -3.61 -23.95
C PRO D 106 -23.78 -4.89 -23.48
N GLY D 107 -22.97 -5.77 -22.88
CA GLY D 107 -23.50 -7.01 -22.35
C GLY D 107 -24.37 -6.81 -21.13
N TYR D 108 -24.16 -5.73 -20.40
CA TYR D 108 -24.96 -5.38 -19.23
C TYR D 108 -25.24 -3.90 -19.25
N VAL D 109 -26.47 -3.54 -18.89
CA VAL D 109 -26.87 -2.15 -18.72
C VAL D 109 -27.59 -2.05 -17.39
N ALA D 110 -27.50 -0.88 -16.76
CA ALA D 110 -28.17 -0.64 -15.50
C ALA D 110 -28.80 0.74 -15.49
N TYR D 111 -30.01 0.81 -14.94
CA TYR D 111 -30.66 2.06 -14.61
C TYR D 111 -30.73 2.17 -13.10
N VAL D 112 -30.13 3.21 -12.55
CA VAL D 112 -30.08 3.41 -11.11
C VAL D 112 -30.43 4.86 -10.82
N GLY D 113 -31.27 5.06 -9.81
CA GLY D 113 -31.62 6.41 -9.39
C GLY D 113 -32.17 6.39 -7.98
N TYR D 114 -32.07 7.54 -7.33
CA TYR D 114 -32.60 7.67 -5.98
C TYR D 114 -34.11 7.49 -5.98
N ASP D 115 -34.64 7.04 -4.85
CA ASP D 115 -36.03 6.62 -4.80
C ASP D 115 -37.01 7.77 -5.06
N THR D 116 -36.57 9.03 -4.90
CA THR D 116 -37.42 10.14 -5.33
C THR D 116 -37.74 9.96 -6.81
N ASP D 117 -36.82 9.35 -7.55
CA ASP D 117 -37.01 9.01 -8.95
C ASP D 117 -37.43 7.56 -9.21
N SER D 118 -37.92 6.88 -8.17
CA SER D 118 -38.26 5.47 -8.30
C SER D 118 -39.16 5.17 -9.49
N GLU D 119 -40.23 5.93 -9.65
CA GLU D 119 -41.15 5.69 -10.76
C GLU D 119 -40.43 5.74 -12.10
N LEU D 120 -39.48 6.67 -12.26
CA LEU D 120 -38.75 6.76 -13.52
C LEU D 120 -37.91 5.51 -13.77
N VAL D 121 -37.22 5.01 -12.75
CA VAL D 121 -36.39 3.81 -12.93
C VAL D 121 -37.25 2.64 -13.39
N GLN D 122 -38.46 2.53 -12.85
CA GLN D 122 -39.34 1.45 -13.26
C GLN D 122 -39.70 1.55 -14.73
N GLU D 123 -39.95 2.77 -15.22
CA GLU D 123 -40.24 2.97 -16.63
C GLU D 123 -39.05 2.56 -17.49
N LEU D 124 -37.84 2.95 -17.09
CA LEU D 124 -36.66 2.58 -17.85
C LEU D 124 -36.29 1.12 -17.64
N CYS D 125 -36.56 0.58 -16.46
CA CYS D 125 -36.30 -0.84 -16.20
C CYS D 125 -37.35 -1.74 -16.84
N ALA D 126 -38.56 -1.22 -17.07
CA ALA D 126 -39.60 -1.99 -17.73
C ALA D 126 -39.86 -3.31 -17.00
N ASP D 127 -39.54 -4.43 -17.63
CA ASP D 127 -39.81 -5.74 -17.04
C ASP D 127 -38.69 -6.23 -16.15
N SER D 128 -37.55 -5.55 -16.12
CA SER D 128 -36.41 -6.02 -15.35
C SER D 128 -36.66 -5.83 -13.86
N THR D 129 -36.21 -6.79 -13.07
CA THR D 129 -36.40 -6.73 -11.62
C THR D 129 -35.78 -5.47 -11.04
N ILE D 130 -36.49 -4.84 -10.12
CA ILE D 130 -36.01 -3.64 -9.46
C ILE D 130 -35.31 -4.04 -8.16
N TYR D 131 -34.05 -3.65 -8.04
CA TYR D 131 -33.25 -3.93 -6.85
C TYR D 131 -33.10 -2.66 -6.04
N HIS D 132 -33.33 -2.76 -4.74
CA HIS D 132 -33.27 -1.62 -3.84
C HIS D 132 -32.07 -1.74 -2.92
N MET D 133 -31.46 -0.59 -2.62
CA MET D 133 -30.35 -0.52 -1.68
C MET D 133 -30.59 0.53 -0.62
P 3PE E . 6.32 -36.55 -3.95
N 3PE E . 3.62 -37.92 -5.89
O11 3PE E . 7.63 -35.80 -4.60
O12 3PE E . 6.48 -37.99 -4.30
O13 3PE E . 5.10 -35.89 -4.83
O14 3PE E . 6.09 -36.06 -2.56
C11 3PE E . 5.12 -35.99 -6.25
C12 3PE E . 4.81 -37.41 -6.62
C1 3PE E . 7.79 -34.41 -4.41
C2 3PE E . 9.27 -34.09 -4.33
C3 3PE E . 10.10 -35.29 -4.71
O31 3PE E . 9.96 -36.24 -3.65
O32 3PE E . 9.66 -36.03 -1.46
C31 3PE E . 10.35 -35.89 -2.44
C32 3PE E . 11.73 -35.29 -2.46
C33 3PE E . 12.39 -35.20 -1.10
C34 3PE E . 13.85 -34.78 -1.22
C35 3PE E . 14.55 -35.42 -2.40
C36 3PE E . 16.05 -35.17 -2.42
C37 3PE E . 16.44 -33.71 -2.20
C38 3PE E . 17.95 -33.50 -2.22
C39 3PE E . 18.50 -33.15 -3.59
C3A 3PE E . 18.24 -34.21 -4.64
C3B 3PE E . 18.32 -33.69 -6.08
C3C 3PE E . 19.60 -32.91 -6.34
C3D 3PE E . 19.51 -31.95 -7.53
C3E 3PE E . 20.55 -30.85 -7.48
C3F 3PE E . 21.99 -31.36 -7.51
C3G 3PE E . 23.02 -30.25 -7.53
C3H 3PE E . 22.79 -29.23 -8.64
C3I 3PE E . 23.82 -28.10 -8.61
O21 3PE E . 9.68 -33.07 -5.25
O22 3PE E . 11.61 -33.32 -6.31
C21 3PE E . 10.94 -32.81 -5.44
C22 3PE E . 11.47 -31.80 -4.45
C23 3PE E . 12.93 -31.96 -4.11
C24 3PE E . 13.82 -31.67 -5.31
C25 3PE E . 15.30 -31.67 -4.96
C26 3PE E . 16.13 -30.85 -5.93
C27 3PE E . 15.68 -29.40 -6.08
C28 3PE E . 16.74 -28.50 -6.67
C29 3PE E . 17.33 -28.99 -7.98
C2A 3PE E . 17.37 -27.92 -9.06
C2B 3PE E . 18.38 -28.17 -10.17
C2C 3PE E . 19.82 -27.93 -9.73
C2D 3PE E . 20.02 -26.58 -9.06
C2E 3PE E . 21.48 -26.11 -9.07
C2F 3PE E . 21.64 -24.65 -9.49
C2G 3PE E . 22.97 -24.35 -10.14
C2H 3PE E . 22.86 -23.61 -11.47
C2I 3PE E . 23.20 -22.12 -11.36
C10 7PO F . 9.42 -11.44 -18.56
C13 7PO F . 12.69 -13.54 -18.86
C15 7PO F . 14.59 -15.07 -18.07
C17 7PO F . 16.50 -16.45 -17.11
C20 7PO F . 19.84 -16.56 -15.13
C21 7PO F . 20.98 -17.48 -15.59
C22 7PO F . 22.16 -17.75 -14.65
C24 7PO F . 24.49 -16.97 -15.05
C26 7PO F . 26.59 -15.50 -15.42
C01 7PO F . 0.93 -6.14 -17.51
C02 7PO F . 2.02 -6.76 -16.63
C03 7PO F . 3.23 -7.22 -17.43
C04 7PO F . 4.22 -8.03 -16.60
C05 7PO F . 5.22 -8.80 -17.45
C06 7PO F . 6.62 -8.80 -16.83
C07 7PO F . 7.51 -9.89 -17.39
C08 7PO F . 8.68 -10.22 -16.45
C09 7PO F . 9.75 -11.10 -17.10
C11 7PO F . 10.55 -12.20 -19.24
C12 7PO F . 11.72 -12.49 -18.32
C14 7PO F . 13.31 -14.33 -17.71
C16 7PO F . 15.11 -15.86 -16.87
C18 7PO F . 17.36 -16.46 -15.85
C19 7PO F . 18.83 -16.31 -16.24
C23 7PO F . 23.45 -18.01 -15.43
C25 7PO F . 25.33 -16.09 -16.06
O27 7PO F . 27.65 -15.44 -15.95
P 3PE G . -15.17 13.49 3.59
N 3PE G . -18.53 11.36 3.55
O11 3PE G . -13.61 13.20 3.75
O12 3PE G . -15.29 14.20 2.29
O13 3PE G . -15.81 12.03 3.39
O14 3PE G . -15.72 14.10 4.85
C11 3PE G . -16.59 11.79 2.18
C12 3PE G . -18.03 12.15 2.45
C1 3PE G . -12.71 14.33 3.68
C2 3PE G . -11.33 13.91 3.22
C3 3PE G . -11.26 13.57 1.75
O31 3PE G . -9.89 13.22 1.44
O32 3PE G . -10.01 14.44 -0.42
C31 3PE G . -9.36 13.78 0.35
C32 3PE G . -7.91 13.48 0.24
C33 3PE G . -7.12 13.95 1.40
C34 3PE G . -5.72 14.43 1.04
C35 3PE G . -4.67 13.35 1.07
C36 3PE G . -3.28 13.86 1.36
C37 3PE G . -2.64 14.64 0.25
C38 3PE G . -1.23 15.08 0.51
C39 3PE G . -0.51 15.67 -0.68
C3A 3PE G . -1.10 16.94 -1.23
C3B 3PE G . -0.79 18.18 -0.42
C3C 3PE G . -1.31 19.47 -1.02
C3D 3PE G . -1.00 20.70 -0.21
C3E 3PE G . 0.46 20.96 0.00
C3F 3PE G . 0.83 21.46 1.37
C3G 3PE G . 0.61 20.46 2.48
C3H 3PE G . 0.66 20.97 3.90
C3I 3PE G . 2.03 21.32 4.40
O21 3PE G . -10.41 15.01 3.48
O22 3PE G . -10.48 14.83 5.70
C21 3PE G . -9.88 15.12 4.71
C22 3PE G . -8.47 15.60 4.65
C23 3PE G . -8.23 16.82 5.48
C24 3PE G . -6.80 17.28 5.38
C25 3PE G . -6.47 18.47 6.24
C26 3PE G . -6.13 18.13 7.66
C27 3PE G . -6.22 19.31 8.60
C28 3PE G . -5.18 19.30 9.66
C29 3PE G . -3.77 19.38 9.12
C2A 3PE G . -2.71 19.29 10.17
C2B 3PE G . -1.42 19.95 9.78
C2C 3PE G . -0.50 19.12 8.95
C2D 3PE G . 0.78 19.81 8.56
C2E 3PE G . 1.82 18.92 7.95
C2F 3PE G . 3.16 19.59 7.71
C2G 3PE G . 3.83 20.12 8.96
C2H 3PE G . 4.06 19.07 10.01
C2I 3PE G . 4.85 19.56 11.19
P 3PE H . -16.20 33.90 1.61
N 3PE H . -18.18 31.55 2.09
O11 3PE H . -15.67 35.45 1.64
O12 3PE H . -15.04 33.10 1.12
O13 3PE H . -17.36 33.98 0.43
O14 3PE H . -16.96 33.60 2.86
C11 3PE H . -18.68 33.55 0.71
C12 3PE H . -18.70 32.04 0.79
C1 3PE H . -15.36 36.06 2.87
C2 3PE H . -13.98 35.61 3.31
C3 3PE H . -14.04 34.49 4.32
O31 3PE H . -12.71 34.07 4.58
O32 3PE H . -12.97 31.88 4.27
C31 3PE H . -12.51 32.80 4.90
C32 3PE H . -11.65 32.68 6.12
C33 3PE H . -10.45 33.61 6.12
C34 3PE H . -9.65 33.48 7.41
C35 3PE H . -9.18 32.07 7.70
C36 3PE H . -7.83 32.02 8.39
C37 3PE H . -7.63 33.11 9.44
C38 3PE H . -6.33 32.95 10.21
C39 3PE H . -6.19 31.60 10.90
C3A 3PE H . -7.19 31.40 12.03
C3B 3PE H . -7.02 32.40 13.16
C3C 3PE H . -7.90 32.09 14.36
C3D 3PE H . -7.49 30.85 15.12
C3E 3PE H . -6.18 31.03 15.88
C3F 3PE H . -4.94 30.65 15.10
C3G 3PE H . -3.65 30.91 15.86
C3H 3PE H . -3.09 32.31 15.67
C3I 3PE H . -4.03 33.40 16.19
O21 3PE H . -13.21 35.07 2.23
O22 3PE H . -13.44 36.05 0.24
C21 3PE H . -12.79 35.85 1.25
C22 3PE H . -11.46 36.44 1.55
C23 3PE H . -10.34 35.43 1.65
C24 3PE H . -9.75 35.38 3.06
C25 3PE H . -8.85 36.55 3.38
C26 3PE H . -8.36 36.53 4.82
C27 3PE H . -7.38 37.65 5.16
C28 3PE H . -6.70 37.44 6.50
C29 3PE H . -5.92 38.65 7.00
C2A 3PE H . -5.29 38.43 8.37
C2B 3PE H . -6.17 37.61 9.31
C2C 3PE H . -5.60 37.46 10.71
C2D 3PE H . -6.19 36.28 11.48
C2E 3PE H . -5.84 36.32 12.96
C2F 3PE H . -6.44 37.52 13.69
C2G 3PE H . -5.39 38.34 14.44
C2H 3PE H . -4.28 38.88 13.54
C2I 3PE H . -3.32 39.81 14.27
C10 7PO I . -9.90 12.22 17.82
C13 7PO I . -8.13 13.59 20.46
C15 7PO I . -9.02 15.93 20.52
C17 7PO I . -7.94 18.21 20.53
C20 7PO I . -4.54 19.82 20.62
C21 7PO I . -4.40 20.03 22.13
C22 7PO I . -3.22 20.96 22.43
C24 7PO I . -2.62 23.51 22.52
C26 7PO I . -0.40 22.94 23.57
C01 7PO I . -12.03 3.85 13.98
C02 7PO I . -10.92 4.45 14.83
C03 7PO I . -10.58 5.87 14.43
C04 7PO I . -11.63 6.87 14.90
C05 7PO I . -11.17 7.65 16.12
C06 7PO I . -9.67 7.91 16.08
C07 7PO I . -9.21 8.76 17.25
C08 7PO I . -8.78 10.16 16.82
C09 7PO I . -9.95 11.12 16.77
C11 7PO I . -9.37 11.78 19.17
C12 7PO I . -8.01 12.41 19.50
C14 7PO I . -8.26 14.90 19.70
C16 7PO I . -8.05 16.87 21.23
C18 7PO I . -6.92 19.12 21.19
C19 7PO I . -5.99 19.71 20.14
C23 7PO I . -3.60 22.41 22.13
C25 7PO I . -1.18 23.16 22.27
O27 7PO I . -0.96 23.00 24.62
P1 PIJ J . -19.10 -4.96 13.17
O11 PIJ J . -18.74 -4.64 14.57
O12 PIJ J . -17.70 -5.24 12.38
O13 PIJ J . -19.83 -3.78 12.62
C21 PIJ J . -16.60 -5.50 13.21
C24 PIJ J . -15.30 -5.32 12.41
C25 PIJ J . -14.65 -6.63 11.94
O26 PIJ J . -13.49 -6.25 11.24
O29 PIJ J . -14.35 -4.64 13.20
OC6 PIJ J . -13.17 -7.76 9.63
OC9 PIJ J . -14.15 -3.26 11.50
CI1 PIJ J . -20.02 -7.22 14.12
OI1 PIJ J . -20.13 -6.23 13.15
CI2 PIJ J . -20.01 -8.62 13.53
OI2 PIJ J . -18.89 -9.27 14.03
CI3 PIJ J . -21.20 -9.42 13.97
OI3 PIJ J . -21.43 -10.43 13.04
CI4 PIJ J . -22.47 -8.62 13.97
OI4 PIJ J . -23.45 -9.51 14.37
CI5 PIJ J . -22.40 -7.52 14.97
OI5 PIJ J . -23.14 -6.46 14.49
CI6 PIJ J . -21.00 -7.05 15.25
OI6 PIJ J . -21.03 -5.73 15.64
CL1 PIJ J . -11.42 -7.71 11.22
CL2 PIJ J . -10.41 -6.58 11.35
CL3 PIJ J . -9.31 -6.71 10.30
CL4 PIJ J . -8.15 -5.75 10.52
CL5 PIJ J . -8.59 -4.34 10.89
CL6 PIJ J . -8.37 -3.31 9.78
CL7 PIJ J . -7.82 -3.89 8.48
CL8 PIJ J . -7.01 -2.88 7.69
CL9 PIJ J . -7.42 -1.42 7.97
CLA PIJ J . -6.84 -0.45 6.91
CLB PIJ J . -7.87 -0.12 5.79
CLC PIJ J . -7.23 0.41 4.49
CLD PIJ J . -8.07 -0.06 3.30
CLE PIJ J . -9.20 -0.97 3.77
CLF PIJ J . -9.79 -1.81 2.66
CO6 PIJ J . -12.76 -7.26 10.61
CO9 PIJ J . -13.64 -3.69 12.45
CR1 PIJ J . -12.23 -3.20 12.82
CR2 PIJ J . -12.17 -1.66 12.78
CR3 PIJ J . -11.01 -1.15 11.92
CR4 PIJ J . -9.69 -1.16 12.68
CR5 PIJ J . -8.92 0.15 12.47
CR6 PIJ J . -8.50 0.82 13.78
CR7 PIJ J . -7.48 1.91 13.51
CR8 PIJ J . -8.18 3.19 13.04
CR9 PIJ J . -7.38 4.46 13.24
CRA PIJ J . -6.49 4.79 12.03
CRB PIJ J . -5.70 6.06 12.34
CRC PIJ J . -5.65 6.35 13.85
CRD PIJ J . -5.07 7.74 14.17
CRE PIJ J . -5.57 8.28 15.51
CRF PIJ J . -4.79 9.53 15.91
N NH4 K . -14.37 -9.68 7.73
P 3PE L . -0.84 -17.95 -9.64
N 3PE L . -4.83 -19.66 -9.50
O11 3PE L . -0.61 -18.15 -8.03
O12 3PE L . 0.13 -16.88 -10.05
O13 3PE L . -2.38 -17.34 -9.68
O14 3PE L . -0.93 -19.26 -10.33
C11 3PE L . -3.34 -17.82 -8.77
C12 3PE L . -3.49 -19.31 -8.97
C1 3PE L . -0.66 -17.03 -7.18
C2 3PE L . 0.53 -17.09 -6.23
C3 3PE L . 1.81 -16.78 -6.95
O31 3PE L . 2.82 -16.64 -5.96
O32 3PE L . 4.38 -17.41 -7.34
C31 3PE L . 4.07 -16.87 -6.31
C32 3PE L . 5.03 -16.37 -5.26
C33 3PE L . 5.70 -17.46 -4.44
C34 3PE L . 6.95 -17.97 -5.15
C35 3PE L . 7.68 -16.89 -5.93
C36 3PE L . 9.19 -16.92 -5.68
C37 3PE L . 9.88 -18.14 -6.26
C38 3PE L . 11.39 -17.99 -6.22
C39 3PE L . 11.87 -16.62 -6.71
C3A 3PE L . 13.15 -16.17 -6.02
C3B 3PE L . 12.99 -16.00 -4.52
C3C 3PE L . 14.26 -15.51 -3.84
C3D 3PE L . 14.38 -16.00 -2.40
C3E 3PE L . 13.99 -14.94 -1.37
C3F 3PE L . 15.12 -13.95 -1.05
C3G 3PE L . 16.46 -14.63 -0.82
C3H 3PE L . 17.64 -13.66 -0.90
C3I 3PE L . 17.65 -12.86 -2.19
O21 3PE L . 0.46 -16.13 -5.17
O22 3PE L . -1.53 -16.64 -4.31
C21 3PE L . -0.38 -16.27 -4.17
C22 3PE L . 0.24 -15.94 -2.84
C23 3PE L . 1.04 -14.64 -2.82
C24 3PE L . 2.11 -14.66 -1.74
C25 3PE L . 2.29 -13.30 -1.07
C26 3PE L . 3.39 -13.28 -0.02
C27 3PE L . 4.74 -12.83 -0.57
C28 3PE L . 5.91 -13.31 0.25
C29 3PE L . 5.90 -12.80 1.69
C2A 3PE L . 6.80 -13.61 2.61
C2B 3PE L . 6.20 -14.94 3.05
C2C 3PE L . 7.20 -15.83 3.80
C2D 3PE L . 6.57 -17.10 4.37
C2E 3PE L . 6.73 -18.31 3.45
C2F 3PE L . 8.18 -18.62 3.11
C2G 3PE L . 8.99 -19.10 4.30
C2H 3PE L . 10.50 -19.07 4.06
C2I 3PE L . 11.05 -17.66 3.89
P1 PIJ M . -7.04 -2.32 -21.90
O11 PIJ M . -6.87 -3.78 -22.26
O12 PIJ M . -5.70 -1.80 -21.07
O13 PIJ M . -8.26 -2.15 -21.03
C21 PIJ M . -5.70 -1.93 -19.67
C24 PIJ M . -5.11 -0.64 -19.06
C25 PIJ M . -3.57 -0.61 -19.10
O26 PIJ M . -3.11 -1.51 -18.13
O29 PIJ M . -5.50 -0.54 -17.70
OC6 PIJ M . -1.54 -0.02 -17.52
OC9 PIJ M . -6.65 1.36 -18.04
CI1 PIJ M . -8.58 -1.20 -23.64
OI1 PIJ M . -7.26 -1.44 -23.26
CI2 PIJ M . -8.98 -2.13 -24.79
OI2 PIJ M . -7.84 -2.55 -25.47
CI3 PIJ M . -9.99 -1.57 -25.78
OI3 PIJ M . -9.32 -1.16 -26.94
CI4 PIJ M . -10.75 -0.37 -25.23
OI4 PIJ M . -11.62 0.11 -26.21
CI5 PIJ M . -9.75 0.73 -24.89
OI5 PIJ M . -10.44 1.88 -24.53
CI6 PIJ M . -8.82 0.30 -23.77
OI6 PIJ M . -9.33 0.77 -22.55
CL1 PIJ M . -2.05 -1.57 -15.81
CL2 PIJ M . -0.62 -1.44 -15.28
CL3 PIJ M . 0.33 -2.47 -15.89
CL4 PIJ M . 1.76 -2.30 -15.38
CL5 PIJ M . 2.67 -3.48 -15.72
CL6 PIJ M . 3.78 -3.62 -14.70
CL7 PIJ M . 4.43 -5.00 -14.73
CL8 PIJ M . 4.42 -5.66 -13.36
CL9 PIJ M . 4.29 -4.65 -12.20
CLA PIJ M . 4.40 -5.32 -10.80
CLB PIJ M . 5.10 -4.41 -9.78
CLC PIJ M . 4.46 -4.50 -8.38
CLD PIJ M . 3.62 -3.28 -8.05
CLE PIJ M . 2.93 -3.39 -6.69
CLF PIJ M . 1.47 -2.96 -6.75
CO6 PIJ M . -2.20 -0.96 -17.21
CO9 PIJ M . -5.92 0.76 -17.34
CR1 PIJ M . -5.42 1.40 -16.01
CR2 PIJ M . -4.11 2.20 -16.22
CR3 PIJ M . -3.52 2.72 -14.90
CR4 PIJ M . -2.88 1.61 -14.04
CR5 PIJ M . -2.61 2.07 -12.60
CR6 PIJ M . -3.10 1.06 -11.56
CR7 PIJ M . -3.91 1.72 -10.44
CR8 PIJ M . -4.19 0.74 -9.29
CR9 PIJ M . -5.61 0.18 -9.35
CRA PIJ M . -6.29 0.12 -7.98
CRB PIJ M . -6.95 -1.24 -7.70
CRC PIJ M . -6.33 -2.36 -8.53
CRD PIJ M . -5.29 -3.17 -7.73
CRE PIJ M . -4.00 -3.39 -8.54
CRF PIJ M . -2.89 -4.02 -7.70
N NH4 N . -9.56 3.00 -16.31
#